data_7A3Q
#
_entry.id   7A3Q
#
_cell.length_a   65.985
_cell.length_b   133.180
_cell.length_c   93.536
_cell.angle_alpha   90.000
_cell.angle_beta   92.150
_cell.angle_gamma   90.000
#
_symmetry.space_group_name_H-M   'P 1 21 1'
#
loop_
_entity.id
_entity.type
_entity.pdbx_description
1 polymer 'Envelope protein E'
2 polymer 'Single Chain Variable Fragment'
3 polymer 'Single Chain Variable Fragment'
4 non-polymer 2-acetamido-2-deoxy-beta-D-glucopyranose
5 non-polymer '(2S)-3-(cyclohexylamino)-2-hydroxypropane-1-sulfonic acid'
6 water water
#
loop_
_entity_poly.entity_id
_entity_poly.type
_entity_poly.pdbx_seq_one_letter_code
_entity_poly.pdbx_strand_id
1 'polypeptide(L)'
;MRCVGVGNRDFVEGVSGGAWVDLVLEHGGCVTTMAQGKPTLDFELTKTTAKEVALLRTYCIEASISNITTATRCPTQGEP
YLKEEQDQQYICRRDVVDRGWGNGCGLFGKGGVVTCAKFSCSGKITGNLVQIENLEYTVVVTVHNGDTHAVGNDTSNHGV
TAMITPRSPSVEVKLPDYGELTLDCEPRSGIDFNEMILMKMKKKTWLVHKQWFLDLPLPWTAGADTSEVHWNYKERMVTF
KVPHAKRQDVTVLGSQEGAMHSALAGATEVDSGDGNHMFAGHLKCKVRMEKLRIKGMSYTMCSGKFSIDKEMAETQHGTT
VVKVKYEGAGAPCKVPIEIRDVNKEKVVGRIISSTPLAENTNSVTNIELEPPFGDSYIVIGVGNSALTLHWFRKG
;
A,B
2 'polypeptide(L)'
;MAEVQLVESGAEVKKPGASVKVSCKASGYTFTSYAMHWVRQAPGQRLEWMGWINAGNGNTKYSQKFQDRVTITRDTSAST
AYMELSSLRSEDTAIYYCARDKVDDYGDYWFPTLWYFDYWGQGTLVTVSSGTGGSGGGGSGGGG
;
H,I
3 'polypeptide(L)'
;SGGGASQSALTQPASVSGSPGQSITISCTGTSSDVGGFNYVSWFQQHPGKAPKLMLYDVTSRPSGVSSRFSGSKSGNTAS
LTISGLQAEDEADYYCSSHTSRGTWVFGGGTKLTVLAAADDDDKAGWSHPQFEKGGGSGGGSGGGSWSHPQFEK
;
L,M
#
# COMPACT_ATOMS: atom_id res chain seq x y z
N MET A 1 2.89 30.20 37.43
CA MET A 1 1.78 30.58 36.55
C MET A 1 1.74 29.71 35.27
N ARG A 2 2.07 28.41 35.40
CA ARG A 2 2.03 27.47 34.29
C ARG A 2 0.73 26.65 34.28
N CYS A 3 0.11 26.48 35.47
CA CYS A 3 -1.13 25.73 35.64
C CYS A 3 -2.36 26.48 35.18
N VAL A 4 -2.28 27.79 35.17
CA VAL A 4 -3.44 28.57 34.77
C VAL A 4 -3.55 28.39 33.27
N GLY A 5 -4.76 28.11 32.80
CA GLY A 5 -4.96 27.92 31.37
C GLY A 5 -4.97 26.46 30.97
N VAL A 6 -4.57 25.59 31.90
CA VAL A 6 -4.63 24.16 31.70
C VAL A 6 -6.00 23.66 32.13
N GLY A 7 -6.61 22.82 31.32
CA GLY A 7 -7.97 22.35 31.61
C GLY A 7 -8.04 21.42 32.81
N ASN A 8 -7.18 20.40 32.83
CA ASN A 8 -7.11 19.44 33.93
C ASN A 8 -6.22 20.03 35.03
N ARG A 9 -6.84 20.72 36.00
CA ARG A 9 -6.12 21.37 37.10
C ARG A 9 -6.75 21.07 38.46
N ASP A 10 -5.92 20.60 39.40
CA ASP A 10 -6.33 20.26 40.76
C ASP A 10 -5.67 21.19 41.77
N PHE A 11 -6.44 21.65 42.76
CA PHE A 11 -5.96 22.52 43.83
C PHE A 11 -5.77 21.68 45.08
N VAL A 12 -4.60 21.80 45.72
CA VAL A 12 -4.27 21.04 46.94
C VAL A 12 -3.89 22.01 48.07
N GLU A 13 -4.60 21.94 49.20
CA GLU A 13 -4.35 22.78 50.37
C GLU A 13 -4.09 21.90 51.61
N GLY A 14 -2.92 22.09 52.24
CA GLY A 14 -2.53 21.28 53.39
C GLY A 14 -1.92 22.05 54.55
N VAL A 15 -2.09 21.52 55.77
CA VAL A 15 -1.58 22.10 57.02
C VAL A 15 -1.01 21.01 57.94
N TRP A 20 4.98 18.93 54.29
CA TRP A 20 4.29 17.64 54.18
C TRP A 20 2.92 17.81 53.49
N VAL A 21 2.91 17.59 52.15
CA VAL A 21 1.72 17.74 51.29
C VAL A 21 1.63 16.54 50.33
N ASP A 22 0.46 15.89 50.29
CA ASP A 22 0.18 14.74 49.43
C ASP A 22 -0.42 15.21 48.09
N LEU A 23 0.21 14.83 46.97
CA LEU A 23 -0.25 15.20 45.63
C LEU A 23 -0.01 14.12 44.59
N VAL A 24 -0.95 13.99 43.63
CA VAL A 24 -0.89 13.02 42.53
C VAL A 24 -0.70 13.76 41.20
N LEU A 25 0.41 13.46 40.51
CA LEU A 25 0.76 14.08 39.23
C LEU A 25 0.49 13.16 38.06
N GLU A 26 -0.36 13.63 37.12
CA GLU A 26 -0.74 12.88 35.92
C GLU A 26 -0.43 13.67 34.63
N HIS A 27 -0.34 12.95 33.50
CA HIS A 27 -0.08 13.54 32.19
C HIS A 27 -1.30 14.34 31.74
N GLY A 28 -1.05 15.48 31.08
CA GLY A 28 -2.09 16.38 30.60
C GLY A 28 -2.74 17.24 31.67
N GLY A 29 -2.35 16.98 32.93
CA GLY A 29 -2.86 17.69 34.10
C GLY A 29 -1.77 18.23 35.00
N CYS A 30 -2.12 19.20 35.86
CA CYS A 30 -1.17 19.79 36.79
C CYS A 30 -1.82 20.23 38.12
N VAL A 31 -1.02 20.21 39.20
CA VAL A 31 -1.46 20.51 40.56
C VAL A 31 -0.93 21.86 41.07
N THR A 32 -1.84 22.69 41.63
CA THR A 32 -1.52 23.98 42.27
C THR A 32 -1.59 23.76 43.78
N THR A 33 -0.48 24.01 44.49
CA THR A 33 -0.39 23.83 45.93
C THR A 33 -0.50 25.14 46.68
N MET A 34 -1.24 25.12 47.81
CA MET A 34 -1.46 26.26 48.69
C MET A 34 -1.29 25.86 50.15
N ALA A 35 -0.60 26.71 50.92
CA ALA A 35 -0.34 26.53 52.35
C ALA A 35 -0.04 27.87 53.00
N GLN A 36 -0.53 28.06 54.25
CA GLN A 36 -0.32 29.26 55.04
C GLN A 36 1.14 29.41 55.42
N GLY A 37 1.72 30.57 55.11
CA GLY A 37 3.12 30.88 55.36
C GLY A 37 4.09 30.21 54.41
N LYS A 38 3.56 29.67 53.28
CA LYS A 38 4.31 28.97 52.23
C LYS A 38 3.94 29.52 50.83
N PRO A 39 4.87 29.53 49.83
CA PRO A 39 4.51 30.07 48.51
C PRO A 39 3.60 29.18 47.68
N THR A 40 2.80 29.80 46.80
CA THR A 40 1.88 29.10 45.90
C THR A 40 2.71 28.55 44.73
N LEU A 41 2.69 27.23 44.57
CA LEU A 41 3.47 26.52 43.54
C LEU A 41 2.61 25.73 42.58
N ASP A 42 3.11 25.57 41.34
CA ASP A 42 2.50 24.78 40.27
C ASP A 42 3.42 23.59 40.00
N PHE A 43 2.85 22.38 39.99
CA PHE A 43 3.57 21.13 39.75
C PHE A 43 2.98 20.43 38.54
N GLU A 44 3.83 19.91 37.66
CA GLU A 44 3.37 19.20 36.46
C GLU A 44 4.31 18.07 36.05
N LEU A 45 3.74 16.89 35.76
CA LEU A 45 4.52 15.77 35.24
C LEU A 45 4.56 15.97 33.72
N THR A 46 5.72 16.40 33.22
CA THR A 46 6.01 16.70 31.83
C THR A 46 6.03 15.42 30.97
N LYS A 47 6.93 14.46 31.30
CA LYS A 47 7.06 13.22 30.54
C LYS A 47 7.56 12.04 31.37
N THR A 48 7.12 10.83 30.98
CA THR A 48 7.50 9.53 31.54
C THR A 48 8.22 8.83 30.38
N THR A 49 9.56 8.84 30.37
CA THR A 49 10.35 8.24 29.30
C THR A 49 11.01 6.91 29.69
N ALA A 50 11.01 5.95 28.76
CA ALA A 50 11.66 4.65 28.91
C ALA A 50 12.88 4.65 28.00
N LYS A 51 14.07 4.55 28.61
CA LYS A 51 15.37 4.58 27.93
C LYS A 51 15.57 3.43 26.93
N GLU A 52 15.62 2.19 27.43
CA GLU A 52 15.84 0.99 26.62
C GLU A 52 14.63 0.06 26.55
N VAL A 53 14.51 -0.65 25.42
CA VAL A 53 13.47 -1.65 25.17
C VAL A 53 14.09 -2.90 24.53
N ALA A 54 13.83 -4.07 25.13
CA ALA A 54 14.37 -5.35 24.65
C ALA A 54 13.40 -6.03 23.69
N LEU A 55 13.87 -6.41 22.49
CA LEU A 55 13.05 -7.09 21.48
C LEU A 55 12.67 -8.50 21.96
N LEU A 56 11.39 -8.84 21.84
CA LEU A 56 10.86 -10.12 22.29
C LEU A 56 10.39 -11.03 21.16
N ARG A 57 9.56 -10.50 20.26
CA ARG A 57 9.00 -11.24 19.13
C ARG A 57 8.68 -10.27 17.98
N THR A 58 8.83 -10.76 16.75
CA THR A 58 8.55 -10.02 15.53
C THR A 58 7.53 -10.81 14.71
N TYR A 59 6.33 -10.24 14.49
CA TYR A 59 5.26 -10.86 13.70
C TYR A 59 5.24 -10.29 12.28
N CYS A 60 4.84 -11.11 11.30
CA CYS A 60 4.70 -10.70 9.91
C CYS A 60 3.23 -10.34 9.67
N ILE A 61 2.95 -9.11 9.22
CA ILE A 61 1.60 -8.63 8.95
C ILE A 61 1.33 -8.47 7.43
N GLU A 62 2.38 -8.49 6.60
CA GLU A 62 2.29 -8.32 5.15
C GLU A 62 3.34 -9.21 4.47
N ALA A 63 2.92 -10.05 3.49
CA ALA A 63 3.81 -10.97 2.81
C ALA A 63 3.64 -11.05 1.28
N SER A 64 4.66 -11.59 0.59
CA SER A 64 4.70 -11.77 -0.85
C SER A 64 5.36 -13.10 -1.25
N ILE A 65 4.93 -13.67 -2.38
CA ILE A 65 5.46 -14.93 -2.93
C ILE A 65 6.36 -14.66 -4.14
N SER A 66 7.51 -15.35 -4.19
CA SER A 66 8.51 -15.26 -5.26
C SER A 66 9.09 -16.64 -5.55
N ASN A 67 9.85 -16.76 -6.67
CA ASN A 67 10.52 -18.00 -7.11
C ASN A 67 9.55 -19.19 -7.11
N ILE A 68 8.46 -19.07 -7.89
CA ILE A 68 7.43 -20.11 -8.00
C ILE A 68 7.97 -21.28 -8.79
N THR A 69 7.91 -22.48 -8.20
CA THR A 69 8.35 -23.74 -8.81
C THR A 69 7.26 -24.79 -8.74
N THR A 70 7.00 -25.47 -9.87
CA THR A 70 5.98 -26.51 -9.98
C THR A 70 6.59 -27.77 -10.57
N ALA A 71 6.16 -28.94 -10.06
CA ALA A 71 6.59 -30.24 -10.56
C ALA A 71 5.35 -31.10 -10.79
N THR A 72 5.20 -31.62 -12.02
CA THR A 72 4.07 -32.46 -12.42
C THR A 72 4.52 -33.90 -12.67
N ARG A 73 3.60 -34.85 -12.51
CA ARG A 73 3.84 -36.27 -12.72
C ARG A 73 2.58 -36.94 -13.28
N CYS A 74 2.78 -37.90 -14.19
CA CYS A 74 1.69 -38.66 -14.82
C CYS A 74 1.10 -39.69 -13.84
N PRO A 75 -0.12 -40.24 -14.09
CA PRO A 75 -0.65 -41.26 -13.17
C PRO A 75 0.18 -42.54 -13.20
N THR A 76 0.18 -43.29 -12.07
CA THR A 76 0.93 -44.55 -11.84
C THR A 76 2.44 -44.30 -11.61
N GLN A 77 2.95 -43.12 -12.03
CA GLN A 77 4.35 -42.75 -11.93
C GLN A 77 4.83 -42.34 -10.51
N GLY A 78 3.89 -42.01 -9.62
CA GLY A 78 4.21 -41.60 -8.26
C GLY A 78 4.10 -40.10 -8.04
N GLU A 79 4.51 -39.62 -6.83
CA GLU A 79 4.45 -38.20 -6.45
C GLU A 79 5.67 -37.40 -6.91
N PRO A 80 5.49 -36.18 -7.49
CA PRO A 80 6.66 -35.39 -7.91
C PRO A 80 7.40 -34.80 -6.71
N TYR A 81 8.71 -34.53 -6.86
CA TYR A 81 9.54 -34.00 -5.78
C TYR A 81 10.33 -32.78 -6.19
N LEU A 82 10.43 -31.80 -5.27
CA LEU A 82 11.19 -30.56 -5.43
C LEU A 82 12.14 -30.42 -4.25
N LYS A 83 13.37 -29.89 -4.50
CA LYS A 83 14.38 -29.65 -3.46
C LYS A 83 13.91 -28.55 -2.48
N GLU A 84 13.03 -27.64 -2.98
CA GLU A 84 12.42 -26.52 -2.24
C GLU A 84 11.51 -26.99 -1.10
N GLU A 85 11.07 -28.27 -1.13
CA GLU A 85 10.22 -28.87 -0.09
C GLU A 85 10.96 -28.98 1.24
N GLN A 86 12.28 -29.19 1.18
CA GLN A 86 13.16 -29.30 2.35
C GLN A 86 13.58 -27.91 2.86
N ASP A 87 13.42 -26.87 2.03
CA ASP A 87 13.75 -25.48 2.37
C ASP A 87 12.64 -24.89 3.25
N GLN A 88 13.04 -24.34 4.42
CA GLN A 88 12.13 -23.73 5.39
C GLN A 88 11.61 -22.36 4.96
N GLN A 89 12.28 -21.71 4.00
CA GLN A 89 11.89 -20.40 3.46
C GLN A 89 10.75 -20.49 2.43
N TYR A 90 10.41 -21.71 1.97
CA TYR A 90 9.37 -21.94 0.95
C TYR A 90 8.08 -22.55 1.52
N ILE A 91 6.94 -22.29 0.85
CA ILE A 91 5.63 -22.86 1.19
C ILE A 91 5.28 -23.84 0.07
N CYS A 92 5.07 -25.11 0.43
CA CYS A 92 4.71 -26.13 -0.57
C CYS A 92 3.37 -26.80 -0.29
N ARG A 93 2.60 -26.99 -1.37
CA ARG A 93 1.29 -27.58 -1.23
C ARG A 93 1.17 -28.60 -2.36
N ARG A 94 0.54 -29.76 -2.15
CA ARG A 94 0.28 -30.81 -3.12
C ARG A 94 -1.19 -30.84 -3.56
N ASP A 95 -1.40 -31.07 -4.85
CA ASP A 95 -2.73 -31.21 -5.45
C ASP A 95 -2.71 -32.47 -6.32
N VAL A 96 -3.89 -32.94 -6.72
CA VAL A 96 -4.04 -34.09 -7.58
C VAL A 96 -5.01 -33.70 -8.70
N VAL A 97 -4.53 -33.76 -9.97
CA VAL A 97 -5.30 -33.32 -11.14
C VAL A 97 -5.54 -34.42 -12.16
N ASP A 98 -6.64 -34.29 -12.93
CA ASP A 98 -7.01 -35.17 -14.04
C ASP A 98 -5.95 -35.08 -15.13
N ARG A 99 -5.34 -36.22 -15.46
CA ARG A 99 -4.34 -36.33 -16.50
C ARG A 99 -4.86 -37.23 -17.62
N GLY A 100 -4.28 -37.07 -18.80
CA GLY A 100 -4.65 -37.84 -19.99
C GLY A 100 -3.90 -37.39 -21.23
N TRP A 101 -4.23 -37.99 -22.39
CA TRP A 101 -3.63 -37.71 -23.70
C TRP A 101 -3.53 -36.22 -24.05
N GLY A 102 -4.55 -35.44 -23.68
CA GLY A 102 -4.60 -34.00 -23.90
C GLY A 102 -3.62 -33.22 -23.05
N ASN A 103 -3.30 -33.73 -21.85
CA ASN A 103 -2.37 -33.13 -20.89
C ASN A 103 -0.94 -33.67 -21.07
N GLY A 104 -0.71 -34.38 -22.17
CA GLY A 104 0.59 -34.95 -22.50
C GLY A 104 0.98 -36.23 -21.79
N CYS A 105 0.03 -36.90 -21.11
CA CYS A 105 0.33 -38.16 -20.42
C CYS A 105 -0.24 -39.33 -21.19
N GLY A 106 0.54 -40.40 -21.30
CA GLY A 106 0.15 -41.62 -21.99
C GLY A 106 -0.98 -42.35 -21.31
N LEU A 107 -1.06 -42.21 -19.97
CA LEU A 107 -2.09 -42.82 -19.14
C LEU A 107 -3.07 -41.79 -18.58
N PHE A 108 -4.34 -42.20 -18.43
CA PHE A 108 -5.42 -41.39 -17.87
C PHE A 108 -5.54 -41.71 -16.39
N GLY A 109 -6.08 -40.76 -15.64
CA GLY A 109 -6.26 -40.89 -14.20
C GLY A 109 -5.76 -39.68 -13.45
N LYS A 110 -5.63 -39.80 -12.13
CA LYS A 110 -5.18 -38.71 -11.27
C LYS A 110 -3.65 -38.65 -11.18
N GLY A 111 -3.10 -37.53 -11.62
CA GLY A 111 -1.67 -37.25 -11.59
C GLY A 111 -1.34 -36.23 -10.53
N GLY A 112 -0.32 -36.51 -9.76
CA GLY A 112 0.14 -35.65 -8.67
C GLY A 112 0.96 -34.44 -9.08
N VAL A 113 0.70 -33.30 -8.42
CA VAL A 113 1.40 -32.02 -8.63
C VAL A 113 1.85 -31.43 -7.30
N VAL A 114 2.96 -30.67 -7.32
CA VAL A 114 3.50 -29.98 -6.15
C VAL A 114 3.96 -28.56 -6.56
N THR A 115 3.58 -27.56 -5.76
CA THR A 115 3.95 -26.17 -6.02
C THR A 115 4.64 -25.57 -4.80
N CYS A 116 5.78 -24.90 -5.00
CA CYS A 116 6.56 -24.24 -3.96
C CYS A 116 6.75 -22.75 -4.26
N ALA A 117 6.71 -21.91 -3.22
CA ALA A 117 6.89 -20.46 -3.35
C ALA A 117 7.64 -19.91 -2.16
N LYS A 118 8.67 -19.08 -2.43
CA LYS A 118 9.48 -18.45 -1.38
C LYS A 118 8.65 -17.38 -0.66
N PHE A 119 8.59 -17.47 0.67
CA PHE A 119 7.86 -16.55 1.53
C PHE A 119 8.79 -15.40 1.96
N SER A 120 8.35 -14.16 1.71
CA SER A 120 9.08 -12.94 2.06
C SER A 120 8.15 -11.97 2.75
N CYS A 121 8.60 -11.43 3.89
CA CYS A 121 7.85 -10.44 4.68
C CYS A 121 8.16 -9.03 4.17
N SER A 122 7.12 -8.20 4.02
CA SER A 122 7.23 -6.80 3.57
C SER A 122 6.76 -5.82 4.64
N GLY A 123 6.06 -6.33 5.64
CA GLY A 123 5.55 -5.56 6.76
C GLY A 123 5.56 -6.37 8.03
N LYS A 124 6.30 -5.90 9.05
CA LYS A 124 6.42 -6.58 10.33
C LYS A 124 6.04 -5.71 11.53
N ILE A 125 5.70 -6.36 12.66
CA ILE A 125 5.37 -5.71 13.93
C ILE A 125 6.23 -6.29 15.05
N THR A 126 6.74 -5.44 15.94
CA THR A 126 7.61 -5.88 17.03
C THR A 126 6.96 -5.73 18.39
N GLY A 127 7.26 -6.70 19.26
CA GLY A 127 6.86 -6.73 20.66
C GLY A 127 8.09 -6.54 21.51
N ASN A 128 8.14 -5.43 22.25
CA ASN A 128 9.29 -5.08 23.08
C ASN A 128 8.95 -5.05 24.57
N LEU A 129 9.91 -5.41 25.41
CA LEU A 129 9.75 -5.38 26.86
C LEU A 129 10.26 -4.06 27.40
N VAL A 130 9.41 -3.42 28.21
CA VAL A 130 9.72 -2.15 28.86
C VAL A 130 10.00 -2.42 30.33
N GLN A 131 11.24 -2.14 30.75
CA GLN A 131 11.75 -2.34 32.10
C GLN A 131 11.46 -1.11 32.99
N ILE A 132 10.53 -1.26 33.97
CA ILE A 132 10.08 -0.23 34.92
C ILE A 132 11.25 0.47 35.67
N GLU A 133 12.41 -0.22 35.78
CA GLU A 133 13.61 0.29 36.46
C GLU A 133 14.27 1.44 35.70
N ASN A 134 14.19 1.41 34.35
CA ASN A 134 14.76 2.39 33.42
C ASN A 134 13.86 3.62 33.17
N LEU A 135 12.68 3.68 33.82
CA LEU A 135 11.76 4.80 33.68
C LEU A 135 12.26 6.09 34.33
N GLU A 136 12.09 7.23 33.63
CA GLU A 136 12.51 8.55 34.11
C GLU A 136 11.33 9.51 34.02
N TYR A 137 10.95 10.10 35.18
CA TYR A 137 9.84 11.04 35.28
C TYR A 137 10.35 12.47 35.36
N THR A 138 9.89 13.33 34.45
CA THR A 138 10.28 14.75 34.40
C THR A 138 9.17 15.58 35.03
N VAL A 139 9.47 16.23 36.17
CA VAL A 139 8.53 17.06 36.92
C VAL A 139 9.01 18.52 36.87
N VAL A 140 8.13 19.46 36.47
CA VAL A 140 8.45 20.89 36.42
C VAL A 140 7.68 21.62 37.51
N VAL A 141 8.42 22.25 38.43
CA VAL A 141 7.85 23.02 39.55
C VAL A 141 8.05 24.52 39.30
N THR A 142 6.92 25.27 39.19
CA THR A 142 6.89 26.71 38.92
C THR A 142 6.31 27.49 40.10
N VAL A 143 6.85 28.69 40.35
CA VAL A 143 6.35 29.57 41.42
C VAL A 143 5.50 30.66 40.76
N HIS A 144 4.47 31.17 41.47
CA HIS A 144 3.60 32.24 40.98
C HIS A 144 4.35 33.58 40.91
N ASN A 145 4.52 34.14 39.69
CA ASN A 145 5.24 35.40 39.50
C ASN A 145 4.59 36.32 38.47
N GLY A 159 10.22 27.99 35.47
CA GLY A 159 10.13 26.72 36.18
C GLY A 159 11.46 25.99 36.33
N VAL A 160 11.55 25.13 37.35
CA VAL A 160 12.74 24.34 37.65
C VAL A 160 12.43 22.85 37.39
N THR A 161 13.20 22.22 36.48
CA THR A 161 13.04 20.81 36.11
C THR A 161 13.64 19.88 37.16
N ALA A 162 12.97 18.75 37.41
CA ALA A 162 13.38 17.73 38.37
C ALA A 162 13.17 16.33 37.80
N MET A 163 14.08 15.40 38.10
CA MET A 163 14.03 14.01 37.62
C MET A 163 13.78 13.01 38.73
N ILE A 164 12.80 12.11 38.52
CA ILE A 164 12.45 11.03 39.44
C ILE A 164 12.68 9.68 38.74
N THR A 165 13.59 8.88 39.30
CA THR A 165 14.00 7.57 38.81
C THR A 165 13.77 6.56 39.95
N PRO A 166 13.36 5.29 39.72
CA PRO A 166 13.21 4.34 40.84
C PRO A 166 14.45 4.21 41.73
N ARG A 167 15.66 4.46 41.17
CA ARG A 167 16.94 4.42 41.87
C ARG A 167 17.12 5.68 42.75
N SER A 168 16.75 6.87 42.22
CA SER A 168 16.81 8.15 42.94
C SER A 168 15.38 8.77 43.01
N PRO A 169 14.49 8.27 43.89
CA PRO A 169 13.11 8.82 43.92
C PRO A 169 12.97 10.18 44.61
N SER A 170 13.71 10.43 45.72
CA SER A 170 13.71 11.70 46.45
C SER A 170 14.71 12.66 45.79
N VAL A 171 14.28 13.91 45.53
CA VAL A 171 15.13 14.93 44.89
C VAL A 171 14.96 16.31 45.56
N GLU A 172 16.07 17.03 45.74
CA GLU A 172 16.09 18.37 46.33
C GLU A 172 15.97 19.42 45.23
N VAL A 173 14.94 20.26 45.31
CA VAL A 173 14.68 21.31 44.31
C VAL A 173 14.92 22.70 44.89
N LYS A 174 15.93 23.40 44.36
CA LYS A 174 16.30 24.76 44.76
C LYS A 174 15.56 25.78 43.92
N LEU A 175 14.91 26.75 44.58
CA LEU A 175 14.18 27.83 43.94
C LEU A 175 14.78 29.18 44.37
N PRO A 176 15.31 30.00 43.42
CA PRO A 176 15.92 31.28 43.81
C PRO A 176 14.96 32.24 44.51
N ASP A 177 15.36 32.72 45.71
CA ASP A 177 14.64 33.65 46.60
C ASP A 177 13.39 33.05 47.29
N TYR A 178 13.01 31.80 46.94
CA TYR A 178 11.85 31.13 47.53
C TYR A 178 12.20 29.96 48.45
N GLY A 179 13.47 29.58 48.46
CA GLY A 179 13.97 28.51 49.32
C GLY A 179 14.30 27.21 48.62
N GLU A 180 13.93 26.09 49.26
CA GLU A 180 14.19 24.74 48.78
C GLU A 180 13.08 23.78 49.20
N LEU A 181 12.80 22.76 48.37
CA LEU A 181 11.80 21.72 48.66
C LEU A 181 12.31 20.33 48.33
N THR A 182 11.83 19.31 49.07
CA THR A 182 12.20 17.92 48.81
C THR A 182 11.01 17.23 48.15
N LEU A 183 11.24 16.65 46.97
CA LEU A 183 10.21 15.96 46.20
C LEU A 183 10.42 14.44 46.27
N ASP A 184 9.74 13.79 47.23
CA ASP A 184 9.80 12.35 47.44
C ASP A 184 8.60 11.68 46.76
N CYS A 185 8.86 11.01 45.64
CA CYS A 185 7.81 10.36 44.83
C CYS A 185 7.95 8.85 44.79
N GLU A 186 6.83 8.16 44.54
CA GLU A 186 6.79 6.71 44.46
C GLU A 186 6.44 6.23 43.03
N PRO A 187 7.46 5.81 42.22
CA PRO A 187 7.16 5.34 40.87
C PRO A 187 6.49 3.96 40.87
N ARG A 188 5.16 3.97 41.06
CA ARG A 188 4.29 2.77 41.09
C ARG A 188 3.38 2.75 39.85
N SER A 189 3.31 3.88 39.11
CA SER A 189 2.50 4.09 37.90
C SER A 189 2.80 3.10 36.78
N GLY A 190 1.83 2.96 35.87
CA GLY A 190 1.91 2.04 34.73
C GLY A 190 1.57 0.64 35.14
N ILE A 191 0.57 0.03 34.46
CA ILE A 191 0.10 -1.34 34.71
C ILE A 191 1.29 -2.31 34.62
N ASP A 192 1.39 -3.25 35.60
CA ASP A 192 2.44 -4.27 35.75
C ASP A 192 3.08 -4.66 34.41
N PHE A 193 4.24 -4.04 34.10
CA PHE A 193 5.01 -4.26 32.88
C PHE A 193 5.55 -5.70 32.76
N ASN A 194 5.23 -6.54 33.77
CA ASN A 194 5.53 -7.96 33.82
C ASN A 194 4.45 -8.70 33.01
N GLU A 195 3.26 -8.04 32.85
CA GLU A 195 2.11 -8.55 32.09
C GLU A 195 1.80 -7.64 30.87
N MET A 196 2.62 -6.60 30.65
CA MET A 196 2.47 -5.63 29.55
C MET A 196 3.61 -5.71 28.53
N ILE A 197 3.24 -5.53 27.24
CA ILE A 197 4.12 -5.54 26.07
C ILE A 197 4.00 -4.22 25.32
N LEU A 198 5.14 -3.70 24.84
CA LEU A 198 5.19 -2.50 24.04
C LEU A 198 5.23 -2.91 22.56
N MET A 199 4.05 -2.89 21.91
CA MET A 199 3.86 -3.27 20.51
C MET A 199 4.05 -2.10 19.53
N LYS A 200 4.99 -2.25 18.58
CA LYS A 200 5.31 -1.26 17.56
C LYS A 200 4.81 -1.71 16.18
N MET A 201 4.16 -0.79 15.44
CA MET A 201 3.63 -1.02 14.09
C MET A 201 3.85 0.22 13.22
N LYS A 202 4.85 0.15 12.32
CA LYS A 202 5.27 1.19 11.38
C LYS A 202 5.69 2.50 12.09
N LYS A 203 4.72 3.38 12.41
CA LYS A 203 5.01 4.67 13.08
C LYS A 203 4.33 4.81 14.45
N LYS A 204 3.27 4.02 14.70
CA LYS A 204 2.53 4.04 15.96
C LYS A 204 2.99 2.93 16.93
N THR A 205 2.84 3.18 18.24
CA THR A 205 3.23 2.26 19.32
C THR A 205 2.06 2.12 20.31
N TRP A 206 1.87 0.91 20.87
CA TRP A 206 0.81 0.62 21.85
C TRP A 206 1.35 -0.17 23.03
N LEU A 207 0.59 -0.19 24.13
CA LEU A 207 0.89 -0.94 25.34
C LEU A 207 -0.21 -2.00 25.44
N VAL A 208 0.12 -3.24 25.08
CA VAL A 208 -0.84 -4.37 25.03
C VAL A 208 -0.52 -5.45 26.06
N HIS A 209 -1.50 -6.31 26.34
CA HIS A 209 -1.30 -7.42 27.25
C HIS A 209 -0.39 -8.50 26.67
N LYS A 210 0.51 -8.99 27.51
CA LYS A 210 1.53 -9.98 27.11
C LYS A 210 0.94 -11.23 26.45
N GLN A 211 -0.08 -11.84 27.09
CA GLN A 211 -0.76 -13.03 26.59
C GLN A 211 -1.45 -12.81 25.25
N TRP A 212 -2.17 -11.67 25.11
CA TRP A 212 -2.88 -11.29 23.88
C TRP A 212 -1.92 -11.19 22.71
N PHE A 213 -0.73 -10.57 22.93
CA PHE A 213 0.32 -10.41 21.94
C PHE A 213 0.88 -11.76 21.51
N LEU A 214 1.18 -12.64 22.49
CA LEU A 214 1.74 -13.97 22.23
C LEU A 214 0.75 -14.93 21.55
N ASP A 215 -0.56 -14.65 21.68
CA ASP A 215 -1.63 -15.47 21.08
C ASP A 215 -2.00 -15.04 19.64
N LEU A 216 -1.38 -13.96 19.11
CA LEU A 216 -1.63 -13.44 17.76
C LEU A 216 -1.41 -14.51 16.67
N PRO A 217 -2.45 -14.81 15.85
CA PRO A 217 -2.27 -15.86 14.81
C PRO A 217 -1.59 -15.36 13.53
N LEU A 218 -0.29 -15.01 13.64
CA LEU A 218 0.53 -14.52 12.53
C LEU A 218 1.92 -15.20 12.54
N PRO A 219 2.65 -15.30 11.40
CA PRO A 219 4.00 -15.91 11.44
C PRO A 219 4.95 -15.07 12.30
N TRP A 220 5.78 -15.71 13.14
CA TRP A 220 6.68 -14.97 14.03
C TRP A 220 8.11 -15.49 14.09
N THR A 221 9.03 -14.64 14.56
CA THR A 221 10.45 -14.93 14.76
C THR A 221 10.94 -14.28 16.07
N ALA A 222 12.08 -14.78 16.59
CA ALA A 222 12.73 -14.27 17.80
C ALA A 222 14.11 -13.68 17.46
N GLY A 223 14.66 -14.07 16.31
CA GLY A 223 15.97 -13.61 15.84
C GLY A 223 15.88 -12.52 14.78
N VAL A 229 16.60 -15.21 7.89
CA VAL A 229 15.40 -15.10 8.73
C VAL A 229 14.52 -16.36 8.59
N HIS A 230 14.09 -16.92 9.73
CA HIS A 230 13.22 -18.10 9.76
C HIS A 230 11.90 -17.74 10.42
N TRP A 231 10.80 -17.83 9.64
CA TRP A 231 9.44 -17.52 10.09
C TRP A 231 8.70 -18.78 10.57
N ASN A 232 8.36 -18.82 11.87
CA ASN A 232 7.62 -19.94 12.44
C ASN A 232 6.13 -19.73 12.15
N TYR A 233 5.44 -20.80 11.72
CA TYR A 233 4.00 -20.82 11.40
C TYR A 233 3.62 -19.87 10.25
N LYS A 234 4.26 -20.03 9.08
CA LYS A 234 4.03 -19.23 7.87
C LYS A 234 2.63 -19.46 7.30
N GLU A 235 2.05 -20.67 7.51
CA GLU A 235 0.72 -21.08 7.03
C GLU A 235 -0.42 -20.21 7.58
N ARG A 236 -0.12 -19.37 8.59
CA ARG A 236 -1.06 -18.42 9.19
C ARG A 236 -1.29 -17.24 8.22
N MET A 237 -0.35 -17.03 7.29
CA MET A 237 -0.37 -15.98 6.27
C MET A 237 -0.69 -16.54 4.87
N VAL A 238 -0.81 -17.87 4.75
CA VAL A 238 -1.10 -18.54 3.48
C VAL A 238 -2.62 -18.74 3.32
N THR A 239 -3.12 -18.54 2.09
CA THR A 239 -4.53 -18.70 1.71
C THR A 239 -5.01 -20.14 1.97
N PHE A 240 -6.20 -20.26 2.61
CA PHE A 240 -6.83 -21.53 2.95
C PHE A 240 -7.24 -22.31 1.70
N LYS A 241 -6.95 -23.63 1.70
CA LYS A 241 -7.27 -24.54 0.60
C LYS A 241 -8.49 -25.38 0.93
N VAL A 242 -9.50 -25.36 0.03
CA VAL A 242 -10.75 -26.12 0.12
C VAL A 242 -10.59 -27.41 -0.73
N PRO A 243 -10.88 -28.62 -0.17
CA PRO A 243 -10.65 -29.87 -0.92
C PRO A 243 -11.50 -30.06 -2.18
N HIS A 244 -12.83 -29.80 -2.10
CA HIS A 244 -13.75 -29.99 -3.22
C HIS A 244 -13.89 -28.73 -4.10
N ALA A 245 -12.76 -28.26 -4.66
CA ALA A 245 -12.67 -27.09 -5.54
C ALA A 245 -11.46 -27.17 -6.48
N LYS A 246 -11.51 -26.40 -7.59
CA LYS A 246 -10.47 -26.31 -8.64
C LYS A 246 -9.13 -25.84 -8.07
N ARG A 247 -8.01 -26.34 -8.65
CA ARG A 247 -6.65 -25.99 -8.22
C ARG A 247 -6.34 -24.50 -8.40
N GLN A 248 -5.49 -23.98 -7.51
CA GLN A 248 -5.05 -22.59 -7.51
C GLN A 248 -3.58 -22.49 -7.11
N ASP A 249 -2.95 -21.34 -7.37
CA ASP A 249 -1.55 -21.08 -7.03
C ASP A 249 -1.42 -20.85 -5.53
N VAL A 250 -0.22 -21.11 -4.97
CA VAL A 250 0.05 -20.89 -3.55
C VAL A 250 0.15 -19.37 -3.28
N THR A 251 -0.98 -18.78 -2.89
CA THR A 251 -1.11 -17.35 -2.62
C THR A 251 -1.11 -17.04 -1.12
N VAL A 252 -0.80 -15.79 -0.77
CA VAL A 252 -0.76 -15.32 0.62
C VAL A 252 -1.85 -14.30 0.90
N LEU A 253 -2.21 -14.15 2.18
CA LEU A 253 -3.21 -13.17 2.64
C LEU A 253 -2.63 -11.77 2.47
N GLY A 254 -3.51 -10.81 2.15
CA GLY A 254 -3.17 -9.41 1.89
C GLY A 254 -2.30 -8.71 2.91
N SER A 255 -2.90 -7.82 3.70
CA SER A 255 -2.21 -7.07 4.73
C SER A 255 -3.07 -7.05 5.98
N GLN A 256 -2.49 -7.44 7.12
CA GLN A 256 -3.19 -7.48 8.40
C GLN A 256 -3.06 -6.16 9.16
N GLU A 257 -2.56 -5.09 8.48
CA GLU A 257 -2.39 -3.75 9.06
C GLU A 257 -3.71 -3.18 9.61
N GLY A 258 -4.74 -3.17 8.78
CA GLY A 258 -6.07 -2.68 9.13
C GLY A 258 -6.78 -3.56 10.15
N ALA A 259 -6.56 -4.88 10.03
CA ALA A 259 -7.13 -5.89 10.95
C ALA A 259 -6.56 -5.69 12.35
N MET A 260 -5.25 -5.32 12.44
CA MET A 260 -4.55 -5.03 13.69
C MET A 260 -5.10 -3.77 14.34
N HIS A 261 -5.27 -2.68 13.55
CA HIS A 261 -5.81 -1.39 14.03
C HIS A 261 -7.21 -1.56 14.62
N SER A 262 -7.99 -2.53 14.10
CA SER A 262 -9.33 -2.85 14.59
C SER A 262 -9.25 -3.53 15.97
N ALA A 263 -8.27 -4.44 16.14
CA ALA A 263 -8.00 -5.19 17.37
C ALA A 263 -7.33 -4.34 18.47
N LEU A 264 -6.82 -3.14 18.12
CA LEU A 264 -6.17 -2.22 19.05
C LEU A 264 -7.08 -1.03 19.44
N ALA A 265 -8.39 -1.17 19.19
CA ALA A 265 -9.41 -0.13 19.47
C ALA A 265 -9.47 0.24 20.97
N GLY A 266 -9.38 -0.77 21.84
CA GLY A 266 -9.40 -0.58 23.28
C GLY A 266 -8.08 -0.17 23.88
N ALA A 267 -6.97 -0.74 23.35
CA ALA A 267 -5.58 -0.53 23.78
C ALA A 267 -5.14 0.94 23.85
N THR A 268 -4.19 1.23 24.75
CA THR A 268 -3.64 2.56 24.99
C THR A 268 -2.48 2.84 24.03
N GLU A 269 -2.60 3.92 23.24
CA GLU A 269 -1.54 4.32 22.31
C GLU A 269 -0.44 5.07 23.06
N VAL A 270 0.82 4.71 22.75
CA VAL A 270 2.04 5.26 23.34
C VAL A 270 2.73 6.17 22.31
N ASP A 271 3.28 7.30 22.78
CA ASP A 271 3.98 8.26 21.93
C ASP A 271 5.46 7.89 21.80
N SER A 272 5.95 7.82 20.55
CA SER A 272 7.34 7.47 20.25
C SER A 272 7.95 8.51 19.30
N GLY A 273 9.07 9.10 19.73
CA GLY A 273 9.79 10.11 18.96
C GLY A 273 11.14 9.62 18.48
N ASP A 274 12.12 10.53 18.42
CA ASP A 274 13.50 10.24 18.00
C ASP A 274 14.22 9.62 19.22
N GLY A 275 13.98 8.32 19.41
CA GLY A 275 14.50 7.56 20.54
C GLY A 275 13.63 7.73 21.76
N ASN A 276 13.50 6.64 22.56
CA ASN A 276 12.71 6.55 23.81
C ASN A 276 11.18 6.61 23.58
N HIS A 277 10.42 6.08 24.56
CA HIS A 277 8.95 6.05 24.52
C HIS A 277 8.35 6.86 25.66
N MET A 278 7.40 7.76 25.32
CA MET A 278 6.69 8.62 26.26
C MET A 278 5.36 8.00 26.65
N PHE A 279 5.14 7.82 27.97
CA PHE A 279 3.94 7.21 28.55
C PHE A 279 3.04 8.22 29.29
N ALA A 280 1.84 7.77 29.72
CA ALA A 280 0.87 8.55 30.47
C ALA A 280 0.95 8.10 31.94
N GLY A 281 1.82 8.76 32.69
CA GLY A 281 2.06 8.46 34.10
C GLY A 281 1.03 8.98 35.08
N HIS A 282 1.12 8.48 36.32
CA HIS A 282 0.29 8.81 37.47
C HIS A 282 1.21 8.67 38.70
N LEU A 283 2.16 9.62 38.81
CA LEU A 283 3.20 9.65 39.84
C LEU A 283 2.68 10.28 41.14
N LYS A 284 2.71 9.51 42.23
CA LYS A 284 2.28 9.95 43.56
C LYS A 284 3.46 10.58 44.29
N CYS A 285 3.32 11.84 44.71
CA CYS A 285 4.40 12.58 45.36
C CYS A 285 4.05 13.14 46.73
N LYS A 286 5.09 13.28 47.57
CA LYS A 286 5.06 13.86 48.90
C LYS A 286 6.10 14.99 48.86
N VAL A 287 5.64 16.25 49.02
CA VAL A 287 6.52 17.42 48.95
C VAL A 287 6.77 18.00 50.37
N ARG A 288 8.06 18.26 50.67
CA ARG A 288 8.50 18.84 51.95
C ARG A 288 8.64 20.34 51.76
N MET A 289 7.69 21.10 52.34
CA MET A 289 7.64 22.56 52.22
C MET A 289 8.27 23.26 53.43
N GLU A 290 9.15 22.55 54.16
CA GLU A 290 9.82 23.02 55.38
C GLU A 290 10.80 24.18 55.14
N LYS A 291 11.69 24.04 54.15
CA LYS A 291 12.72 25.04 53.81
C LYS A 291 12.21 26.15 52.86
N LEU A 292 10.91 26.15 52.54
CA LEU A 292 10.31 27.14 51.64
C LEU A 292 9.92 28.42 52.38
N ARG A 293 10.13 29.58 51.70
CA ARG A 293 9.83 30.92 52.21
C ARG A 293 9.14 31.78 51.14
N ILE A 294 8.26 32.71 51.57
CA ILE A 294 7.54 33.59 50.65
C ILE A 294 8.36 34.85 50.36
N LYS A 295 8.82 34.99 49.09
CA LYS A 295 9.53 36.20 48.65
C LYS A 295 8.44 37.27 48.53
N GLY A 296 8.50 38.26 49.40
CA GLY A 296 7.51 39.32 49.47
C GLY A 296 7.19 39.73 50.89
N MET A 297 7.22 38.75 51.82
CA MET A 297 6.98 38.95 53.25
C MET A 297 8.02 39.86 53.89
N SER A 298 9.24 39.89 53.32
CA SER A 298 10.36 40.72 53.76
C SER A 298 10.24 42.18 53.31
N TYR A 299 9.21 42.51 52.48
CA TYR A 299 8.96 43.86 51.98
C TYR A 299 7.75 44.53 52.65
N THR A 300 7.66 45.87 52.53
CA THR A 300 6.55 46.69 53.06
C THR A 300 5.49 46.88 51.97
N MET A 301 4.29 47.40 52.32
CA MET A 301 3.20 47.62 51.37
C MET A 301 3.53 48.73 50.37
N CYS A 302 3.06 48.58 49.11
CA CYS A 302 3.26 49.61 48.07
C CYS A 302 2.39 50.81 48.39
N SER A 303 2.96 52.01 48.30
CA SER A 303 2.24 53.26 48.57
C SER A 303 1.69 53.89 47.29
N GLY A 304 2.43 53.77 46.20
CA GLY A 304 2.11 54.34 44.89
C GLY A 304 0.91 53.77 44.16
N LYS A 305 0.68 54.30 42.96
CA LYS A 305 -0.43 53.95 42.07
C LYS A 305 -0.13 52.70 41.22
N PHE A 306 -1.19 51.94 40.92
CA PHE A 306 -1.17 50.74 40.08
C PHE A 306 -2.08 50.95 38.88
N SER A 307 -1.81 50.23 37.78
CA SER A 307 -2.59 50.25 36.55
C SER A 307 -2.72 48.82 36.02
N ILE A 308 -3.80 48.52 35.26
CA ILE A 308 -3.98 47.20 34.68
C ILE A 308 -3.15 47.03 33.41
N ASP A 309 -2.21 46.07 33.44
CA ASP A 309 -1.32 45.75 32.32
C ASP A 309 -2.06 44.81 31.35
N LYS A 310 -2.82 43.88 31.94
CA LYS A 310 -3.66 42.93 31.24
C LYS A 310 -4.98 42.73 31.97
N GLU A 311 -6.07 43.02 31.28
CA GLU A 311 -7.43 42.99 31.81
C GLU A 311 -7.73 41.64 32.49
N MET A 312 -8.44 41.70 33.64
CA MET A 312 -8.81 40.53 34.43
C MET A 312 -9.70 39.57 33.64
N ALA A 313 -9.30 38.29 33.60
CA ALA A 313 -10.01 37.24 32.87
C ALA A 313 -10.27 36.03 33.75
N GLU A 314 -11.44 35.39 33.56
CA GLU A 314 -11.86 34.20 34.29
C GLU A 314 -11.23 32.96 33.65
N THR A 315 -10.77 32.02 34.48
CA THR A 315 -10.17 30.75 34.04
C THR A 315 -11.23 29.64 34.03
N GLN A 316 -10.84 28.43 33.59
CA GLN A 316 -11.73 27.26 33.55
C GLN A 316 -11.90 26.60 34.95
N HIS A 317 -11.34 27.22 36.01
CA HIS A 317 -11.37 26.69 37.39
C HIS A 317 -12.11 27.59 38.40
N GLY A 318 -12.88 28.56 37.90
CA GLY A 318 -13.62 29.48 38.74
C GLY A 318 -12.73 30.50 39.43
N THR A 319 -11.52 30.71 38.89
CA THR A 319 -10.56 31.69 39.40
C THR A 319 -10.34 32.78 38.36
N THR A 320 -9.76 33.92 38.76
CA THR A 320 -9.47 35.03 37.87
C THR A 320 -7.99 35.35 37.89
N VAL A 321 -7.48 35.93 36.79
CA VAL A 321 -6.08 36.33 36.65
C VAL A 321 -5.99 37.74 36.10
N VAL A 322 -5.07 38.52 36.66
CA VAL A 322 -4.85 39.92 36.28
C VAL A 322 -3.36 40.29 36.36
N LYS A 323 -2.88 41.10 35.40
CA LYS A 323 -1.51 41.63 35.36
C LYS A 323 -1.60 43.10 35.77
N VAL A 324 -0.81 43.50 36.79
CA VAL A 324 -0.79 44.89 37.27
C VAL A 324 0.61 45.50 37.10
N LYS A 325 0.65 46.77 36.66
CA LYS A 325 1.90 47.51 36.48
C LYS A 325 2.03 48.54 37.61
N TYR A 326 3.09 48.42 38.43
CA TYR A 326 3.32 49.37 39.52
C TYR A 326 4.03 50.60 38.96
N GLU A 327 3.33 51.74 38.88
CA GLU A 327 3.92 52.97 38.35
C GLU A 327 4.43 53.92 39.44
N GLY A 328 4.29 53.50 40.70
CA GLY A 328 4.75 54.27 41.86
C GLY A 328 6.19 54.00 42.23
N ALA A 329 6.63 54.59 43.36
CA ALA A 329 8.00 54.43 43.88
C ALA A 329 8.02 53.64 45.20
N GLY A 330 9.23 53.27 45.64
CA GLY A 330 9.43 52.53 46.88
C GLY A 330 9.45 51.03 46.70
N ALA A 331 9.64 50.55 45.46
CA ALA A 331 9.70 49.13 45.11
C ALA A 331 11.14 48.60 45.30
N PRO A 332 11.39 47.32 45.71
CA PRO A 332 10.43 46.23 45.97
C PRO A 332 9.46 46.46 47.12
N CYS A 333 8.17 46.17 46.86
CA CYS A 333 7.08 46.33 47.83
C CYS A 333 5.92 45.35 47.56
N LYS A 334 5.15 45.02 48.62
CA LYS A 334 3.97 44.14 48.60
C LYS A 334 2.83 44.81 47.85
N VAL A 335 2.19 44.06 46.93
CA VAL A 335 1.04 44.53 46.16
C VAL A 335 -0.22 44.39 47.02
N PRO A 336 -0.94 45.50 47.33
CA PRO A 336 -2.14 45.38 48.17
C PRO A 336 -3.40 45.00 47.36
N ILE A 337 -3.97 43.84 47.66
CA ILE A 337 -5.14 43.37 46.96
C ILE A 337 -6.14 42.71 47.90
N GLU A 338 -7.42 43.08 47.74
CA GLU A 338 -8.52 42.63 48.59
C GLU A 338 -9.77 42.46 47.74
N ILE A 339 -10.53 41.39 47.99
CA ILE A 339 -11.79 41.14 47.29
C ILE A 339 -12.91 41.54 48.25
N ARG A 340 -13.52 42.71 48.02
CA ARG A 340 -14.60 43.26 48.84
C ARG A 340 -15.98 42.90 48.29
N ASP A 341 -17.02 42.97 49.15
CA ASP A 341 -18.41 42.66 48.77
C ASP A 341 -19.06 43.73 47.88
N VAL A 342 -20.37 43.56 47.55
CA VAL A 342 -21.20 44.45 46.73
C VAL A 342 -21.22 45.88 47.32
N ASN A 343 -21.25 45.99 48.67
CA ASN A 343 -21.27 47.25 49.41
C ASN A 343 -19.86 47.83 49.67
N LYS A 344 -18.80 47.13 49.17
CA LYS A 344 -17.38 47.49 49.31
C LYS A 344 -16.94 47.69 50.77
N GLU A 345 -17.38 46.78 51.66
CA GLU A 345 -17.08 46.86 53.08
C GLU A 345 -16.19 45.74 53.62
N LYS A 346 -16.68 44.48 53.59
CA LYS A 346 -15.96 43.32 54.13
C LYS A 346 -15.24 42.49 53.07
N VAL A 347 -14.10 41.87 53.46
CA VAL A 347 -13.31 40.99 52.58
C VAL A 347 -14.06 39.66 52.50
N VAL A 348 -14.49 39.30 51.27
CA VAL A 348 -15.31 38.12 51.01
C VAL A 348 -14.58 37.03 50.19
N GLY A 349 -13.74 37.42 49.24
CA GLY A 349 -13.00 36.48 48.40
C GLY A 349 -11.74 35.92 49.01
N ARG A 350 -10.86 35.36 48.16
CA ARG A 350 -9.58 34.75 48.53
C ARG A 350 -8.55 34.96 47.41
N ILE A 351 -7.28 35.20 47.79
CA ILE A 351 -6.17 35.39 46.84
C ILE A 351 -5.36 34.09 46.79
N ILE A 352 -5.17 33.54 45.57
CA ILE A 352 -4.40 32.30 45.36
C ILE A 352 -2.90 32.59 45.39
N SER A 353 -2.46 33.66 44.68
CA SER A 353 -1.07 34.11 44.63
C SER A 353 -0.57 34.48 46.03
N SER A 354 0.49 33.80 46.49
CA SER A 354 1.06 34.04 47.80
C SER A 354 1.86 35.34 47.85
N THR A 355 1.33 36.34 48.60
CA THR A 355 1.90 37.67 48.84
C THR A 355 2.60 38.26 47.58
N PRO A 356 1.84 38.68 46.54
CA PRO A 356 2.49 39.24 45.33
C PRO A 356 3.26 40.55 45.59
N LEU A 357 4.42 40.68 44.94
CA LEU A 357 5.33 41.82 45.07
C LEU A 357 5.55 42.57 43.75
N ALA A 358 5.98 43.83 43.84
CA ALA A 358 6.34 44.68 42.71
C ALA A 358 7.86 44.85 42.84
N GLU A 359 8.63 44.13 41.99
CA GLU A 359 10.10 44.10 42.00
C GLU A 359 10.78 45.48 41.90
N ASN A 360 10.39 46.28 40.90
CA ASN A 360 10.93 47.63 40.66
C ASN A 360 9.83 48.56 40.14
N THR A 361 10.21 49.78 39.68
CA THR A 361 9.26 50.72 39.11
C THR A 361 8.95 50.24 37.68
N ASN A 362 7.67 50.32 37.28
CA ASN A 362 7.13 49.87 35.97
C ASN A 362 7.20 48.33 35.84
N SER A 363 7.17 47.62 36.99
CA SER A 363 7.20 46.16 37.08
C SER A 363 5.79 45.61 36.95
N VAL A 364 5.64 44.50 36.22
CA VAL A 364 4.37 43.83 35.97
C VAL A 364 4.25 42.58 36.86
N THR A 365 3.10 42.42 37.54
CA THR A 365 2.83 41.30 38.46
C THR A 365 1.55 40.56 38.08
N ASN A 366 1.61 39.23 38.04
CA ASN A 366 0.47 38.34 37.75
C ASN A 366 -0.12 37.89 39.09
N ILE A 367 -1.46 37.99 39.23
CA ILE A 367 -2.16 37.61 40.47
C ILE A 367 -3.37 36.73 40.17
N GLU A 368 -3.46 35.56 40.84
CA GLU A 368 -4.61 34.67 40.72
C GLU A 368 -5.54 34.91 41.91
N LEU A 369 -6.80 35.22 41.64
CA LEU A 369 -7.81 35.51 42.67
C LEU A 369 -8.99 34.55 42.55
N GLU A 370 -9.75 34.38 43.65
CA GLU A 370 -10.95 33.55 43.69
C GLU A 370 -12.14 34.39 44.19
N PRO A 371 -12.71 35.31 43.35
CA PRO A 371 -13.85 36.11 43.81
C PRO A 371 -15.12 35.27 44.04
N PRO A 372 -16.03 35.66 44.96
CA PRO A 372 -17.23 34.82 45.19
C PRO A 372 -18.24 34.88 44.04
N PHE A 373 -19.29 34.04 44.10
CA PHE A 373 -20.34 34.02 43.08
C PHE A 373 -21.15 35.30 43.15
N GLY A 374 -21.32 35.95 42.00
CA GLY A 374 -22.05 37.21 41.88
C GLY A 374 -21.15 38.43 41.89
N ASP A 375 -21.69 39.56 42.42
CA ASP A 375 -21.00 40.85 42.49
C ASP A 375 -19.94 40.92 43.58
N SER A 376 -18.78 41.50 43.22
CA SER A 376 -17.62 41.73 44.08
C SER A 376 -16.75 42.85 43.47
N TYR A 377 -15.90 43.47 44.30
CA TYR A 377 -15.01 44.56 43.88
C TYR A 377 -13.56 44.25 44.25
N ILE A 378 -12.68 44.16 43.24
CA ILE A 378 -11.25 43.88 43.41
C ILE A 378 -10.52 45.21 43.56
N VAL A 379 -9.96 45.48 44.76
CA VAL A 379 -9.26 46.72 45.07
C VAL A 379 -7.74 46.50 45.05
N ILE A 380 -7.04 47.21 44.15
CA ILE A 380 -5.58 47.12 44.00
C ILE A 380 -4.98 48.50 44.31
N GLY A 381 -4.27 48.59 45.44
CA GLY A 381 -3.64 49.81 45.89
C GLY A 381 -4.15 50.30 47.23
N VAL A 382 -3.72 51.49 47.66
CA VAL A 382 -4.12 52.11 48.93
C VAL A 382 -4.57 53.57 48.77
N GLY A 383 -5.65 53.91 49.45
CA GLY A 383 -6.24 55.25 49.45
C GLY A 383 -6.99 55.60 48.18
N ASN A 384 -6.94 56.87 47.78
CA ASN A 384 -7.60 57.41 46.57
C ASN A 384 -7.03 56.83 45.28
N SER A 385 -5.70 56.64 45.24
CA SER A 385 -4.95 56.09 44.11
C SER A 385 -5.26 54.61 43.83
N ALA A 386 -5.98 53.94 44.76
CA ALA A 386 -6.38 52.54 44.64
C ALA A 386 -7.37 52.31 43.50
N LEU A 387 -7.08 51.28 42.69
CA LEU A 387 -7.86 50.87 41.54
C LEU A 387 -8.96 49.92 41.98
N THR A 388 -10.23 50.25 41.66
CA THR A 388 -11.40 49.44 42.00
C THR A 388 -11.99 48.83 40.72
N LEU A 389 -12.04 47.48 40.67
CA LEU A 389 -12.54 46.74 39.52
C LEU A 389 -13.73 45.86 39.89
N HIS A 390 -14.88 46.12 39.22
CA HIS A 390 -16.12 45.36 39.40
C HIS A 390 -15.97 43.98 38.75
N TRP A 391 -16.47 42.93 39.41
CA TRP A 391 -16.43 41.59 38.85
C TRP A 391 -17.68 40.79 39.17
N PHE A 392 -18.24 40.14 38.13
CA PHE A 392 -19.39 39.27 38.23
C PHE A 392 -18.98 37.85 37.87
N ARG A 393 -19.39 36.87 38.70
CA ARG A 393 -19.11 35.46 38.53
C ARG A 393 -20.44 34.69 38.38
N LYS A 394 -20.62 34.02 37.23
CA LYS A 394 -21.80 33.23 36.91
C LYS A 394 -21.71 31.86 37.60
N MET B 1 -13.35 -36.09 -29.18
CA MET B 1 -12.29 -36.56 -28.29
C MET B 1 -11.91 -35.47 -27.27
N ARG B 2 -12.93 -34.87 -26.64
CA ARG B 2 -12.78 -33.80 -25.66
C ARG B 2 -13.01 -34.30 -24.23
N CYS B 3 -14.09 -35.07 -24.03
CA CYS B 3 -14.55 -35.62 -22.76
C CYS B 3 -13.71 -36.78 -22.22
N VAL B 4 -12.96 -37.44 -23.11
CA VAL B 4 -12.11 -38.62 -22.85
C VAL B 4 -11.23 -38.52 -21.57
N GLY B 5 -10.69 -37.35 -21.30
CA GLY B 5 -9.79 -37.05 -20.19
C GLY B 5 -10.43 -36.33 -19.03
N VAL B 6 -11.63 -35.75 -19.25
CA VAL B 6 -12.44 -35.03 -18.25
C VAL B 6 -12.98 -36.05 -17.24
N GLY B 7 -12.79 -35.76 -15.94
CA GLY B 7 -13.25 -36.60 -14.84
C GLY B 7 -14.76 -36.68 -14.72
N ASN B 8 -15.43 -35.52 -14.73
CA ASN B 8 -16.88 -35.46 -14.67
C ASN B 8 -17.44 -35.62 -16.09
N ARG B 9 -17.79 -36.86 -16.46
CA ARG B 9 -18.31 -37.18 -17.78
C ARG B 9 -19.58 -38.02 -17.72
N ASP B 10 -20.59 -37.65 -18.54
CA ASP B 10 -21.87 -38.34 -18.61
C ASP B 10 -22.17 -38.82 -20.03
N PHE B 11 -22.65 -40.08 -20.15
CA PHE B 11 -23.01 -40.67 -21.43
C PHE B 11 -24.52 -40.65 -21.59
N VAL B 12 -25.00 -40.19 -22.74
CA VAL B 12 -26.44 -40.09 -23.03
C VAL B 12 -26.77 -40.85 -24.33
N GLU B 13 -27.70 -41.81 -24.24
CA GLU B 13 -28.14 -42.61 -25.39
C GLU B 13 -29.65 -42.50 -25.63
N GLY B 14 -30.03 -42.32 -26.90
CA GLY B 14 -31.42 -42.20 -27.35
C GLY B 14 -31.67 -42.78 -28.73
N VAL B 15 -32.45 -42.05 -29.54
CA VAL B 15 -32.82 -42.44 -30.92
C VAL B 15 -32.64 -41.28 -31.92
N SER B 16 -33.09 -40.06 -31.55
CA SER B 16 -33.00 -38.84 -32.38
C SER B 16 -33.00 -37.59 -31.51
N VAL B 21 -32.93 -35.41 -28.12
CA VAL B 21 -32.10 -35.94 -27.04
C VAL B 21 -32.01 -34.92 -25.89
N ASP B 22 -32.32 -35.36 -24.65
CA ASP B 22 -32.29 -34.54 -23.45
C ASP B 22 -30.92 -34.63 -22.78
N LEU B 23 -30.26 -33.47 -22.55
CA LEU B 23 -28.94 -33.41 -21.91
C LEU B 23 -28.74 -32.18 -21.03
N VAL B 24 -28.01 -32.35 -19.93
CA VAL B 24 -27.71 -31.27 -18.97
C VAL B 24 -26.21 -30.97 -19.00
N LEU B 25 -25.86 -29.72 -19.35
CA LEU B 25 -24.48 -29.24 -19.45
C LEU B 25 -24.06 -28.42 -18.25
N GLU B 26 -23.01 -28.86 -17.55
CA GLU B 26 -22.48 -28.18 -16.36
C GLU B 26 -20.99 -27.85 -16.52
N HIS B 27 -20.50 -26.83 -15.79
CA HIS B 27 -19.11 -26.41 -15.79
C HIS B 27 -18.27 -27.50 -15.14
N GLY B 28 -17.25 -27.97 -15.86
CA GLY B 28 -16.38 -29.05 -15.42
C GLY B 28 -16.89 -30.41 -15.88
N GLY B 29 -18.14 -30.41 -16.36
CA GLY B 29 -18.84 -31.58 -16.88
C GLY B 29 -18.70 -31.72 -18.37
N CYS B 30 -18.90 -32.95 -18.88
CA CYS B 30 -18.78 -33.25 -20.30
C CYS B 30 -19.81 -34.30 -20.70
N VAL B 31 -20.60 -34.02 -21.76
CA VAL B 31 -21.66 -34.93 -22.19
C VAL B 31 -21.34 -35.57 -23.55
N THR B 32 -21.28 -36.91 -23.57
CA THR B 32 -21.05 -37.67 -24.81
C THR B 32 -22.38 -38.28 -25.23
N THR B 33 -22.83 -37.94 -26.45
CA THR B 33 -24.11 -38.42 -27.00
C THR B 33 -23.92 -39.56 -27.98
N MET B 34 -24.81 -40.56 -27.91
CA MET B 34 -24.82 -41.73 -28.77
C MET B 34 -26.23 -42.04 -29.26
N ALA B 35 -26.34 -42.38 -30.55
CA ALA B 35 -27.60 -42.75 -31.20
C ALA B 35 -27.32 -43.57 -32.46
N GLN B 36 -28.17 -44.57 -32.73
CA GLN B 36 -28.08 -45.45 -33.90
C GLN B 36 -28.36 -44.66 -35.18
N GLY B 37 -27.44 -44.75 -36.13
CA GLY B 37 -27.51 -44.05 -37.41
C GLY B 37 -27.21 -42.56 -37.31
N LYS B 38 -26.60 -42.14 -36.17
CA LYS B 38 -26.22 -40.76 -35.87
C LYS B 38 -24.76 -40.70 -35.37
N PRO B 39 -24.00 -39.60 -35.64
CA PRO B 39 -22.59 -39.56 -35.17
C PRO B 39 -22.44 -39.35 -33.66
N THR B 40 -21.33 -39.87 -33.09
CA THR B 40 -21.01 -39.72 -31.68
C THR B 40 -20.45 -38.32 -31.46
N LEU B 41 -21.11 -37.52 -30.61
CA LEU B 41 -20.72 -36.13 -30.35
C LEU B 41 -20.38 -35.87 -28.88
N ASP B 42 -19.50 -34.90 -28.65
CA ASP B 42 -19.09 -34.41 -27.34
C ASP B 42 -19.60 -32.99 -27.19
N PHE B 43 -20.29 -32.70 -26.08
CA PHE B 43 -20.86 -31.39 -25.77
C PHE B 43 -20.27 -30.90 -24.45
N GLU B 44 -19.81 -29.65 -24.42
CA GLU B 44 -19.25 -29.07 -23.20
C GLU B 44 -19.57 -27.59 -23.07
N LEU B 45 -19.92 -27.16 -21.84
CA LEU B 45 -20.20 -25.76 -21.50
C LEU B 45 -18.84 -25.13 -21.15
N THR B 46 -18.35 -24.26 -22.04
CA THR B 46 -17.06 -23.59 -21.92
C THR B 46 -17.11 -22.46 -20.88
N LYS B 47 -17.98 -21.46 -21.09
CA LYS B 47 -18.10 -20.31 -20.17
C LYS B 47 -19.48 -19.68 -20.13
N THR B 48 -19.80 -19.05 -18.98
CA THR B 48 -21.04 -18.31 -18.71
C THR B 48 -20.62 -16.84 -18.50
N THR B 49 -20.48 -16.08 -19.61
CA THR B 49 -20.01 -14.69 -19.62
C THR B 49 -21.13 -13.66 -19.81
N ALA B 50 -21.19 -12.65 -18.91
CA ALA B 50 -22.16 -11.55 -19.00
C ALA B 50 -21.48 -10.40 -19.77
N LYS B 51 -21.90 -10.18 -21.02
CA LYS B 51 -21.34 -9.16 -21.94
C LYS B 51 -21.47 -7.71 -21.43
N GLU B 52 -22.56 -7.40 -20.70
CA GLU B 52 -22.78 -6.07 -20.12
C GLU B 52 -23.01 -6.17 -18.61
N VAL B 53 -22.04 -5.69 -17.83
CA VAL B 53 -22.11 -5.70 -16.38
C VAL B 53 -22.24 -4.25 -15.85
N ALA B 54 -22.97 -4.06 -14.74
CA ALA B 54 -23.21 -2.73 -14.17
C ALA B 54 -22.55 -2.51 -12.82
N LEU B 55 -21.64 -1.52 -12.75
CA LEU B 55 -20.95 -1.17 -11.51
C LEU B 55 -21.91 -0.52 -10.51
N LEU B 56 -21.97 -1.06 -9.29
CA LEU B 56 -22.84 -0.56 -8.22
C LEU B 56 -22.09 0.31 -7.23
N ARG B 57 -20.90 -0.13 -6.75
CA ARG B 57 -20.09 0.59 -5.78
C ARG B 57 -18.61 0.19 -5.83
N THR B 58 -17.71 1.17 -5.56
CA THR B 58 -16.27 1.00 -5.46
C THR B 58 -15.87 1.42 -4.03
N TYR B 59 -15.33 0.48 -3.23
CA TYR B 59 -14.88 0.73 -1.85
C TYR B 59 -13.39 0.94 -1.79
N CYS B 60 -12.92 1.76 -0.83
CA CYS B 60 -11.49 1.98 -0.61
C CYS B 60 -11.04 1.06 0.54
N ILE B 61 -10.03 0.21 0.25
CA ILE B 61 -9.48 -0.73 1.25
C ILE B 61 -8.08 -0.31 1.73
N GLU B 62 -7.43 0.63 1.03
CA GLU B 62 -6.09 1.13 1.35
C GLU B 62 -6.02 2.62 1.03
N ALA B 63 -5.61 3.44 2.03
CA ALA B 63 -5.54 4.90 1.86
C ALA B 63 -4.29 5.53 2.45
N SER B 64 -4.01 6.80 2.06
CA SER B 64 -2.90 7.61 2.55
C SER B 64 -3.31 9.07 2.78
N ILE B 65 -2.70 9.71 3.80
CA ILE B 65 -2.97 11.10 4.16
C ILE B 65 -1.81 12.00 3.76
N SER B 66 -2.13 13.22 3.25
CA SER B 66 -1.15 14.21 2.81
C SER B 66 -1.64 15.65 3.07
N ASN B 67 -0.75 16.65 2.89
CA ASN B 67 -0.98 18.09 3.00
C ASN B 67 -1.93 18.49 4.17
N ILE B 68 -1.49 18.17 5.40
CA ILE B 68 -2.21 18.40 6.64
C ILE B 68 -2.20 19.89 7.00
N THR B 69 -3.40 20.46 7.23
CA THR B 69 -3.60 21.87 7.56
C THR B 69 -4.48 22.02 8.80
N THR B 70 -4.08 22.90 9.71
CA THR B 70 -4.79 23.16 10.96
C THR B 70 -5.07 24.66 11.12
N ALA B 71 -6.22 25.00 11.68
CA ALA B 71 -6.59 26.39 11.93
C ALA B 71 -7.21 26.53 13.32
N THR B 72 -6.62 27.38 14.15
CA THR B 72 -7.07 27.56 15.52
C THR B 72 -7.78 28.87 15.74
N ARG B 73 -8.45 28.99 16.89
CA ARG B 73 -9.14 30.21 17.27
C ARG B 73 -9.28 30.30 18.78
N CYS B 74 -9.43 31.51 19.28
CA CYS B 74 -9.56 31.76 20.72
C CYS B 74 -10.99 31.52 21.20
N PRO B 75 -11.25 31.32 22.52
CA PRO B 75 -12.63 31.09 22.98
C PRO B 75 -13.53 32.31 22.74
N THR B 76 -14.84 32.06 22.50
CA THR B 76 -15.91 33.06 22.23
C THR B 76 -15.79 33.68 20.81
N GLN B 77 -14.61 33.57 20.16
CA GLN B 77 -14.32 34.14 18.84
C GLN B 77 -15.02 33.43 17.67
N GLY B 78 -15.64 32.29 17.94
CA GLY B 78 -16.35 31.49 16.97
C GLY B 78 -15.56 30.29 16.50
N GLU B 79 -15.86 29.81 15.29
CA GLU B 79 -15.21 28.65 14.70
C GLU B 79 -14.19 29.03 13.61
N PRO B 80 -12.99 28.41 13.58
CA PRO B 80 -12.01 28.73 12.53
C PRO B 80 -12.41 28.13 11.18
N TYR B 81 -11.88 28.69 10.08
CA TYR B 81 -12.20 28.18 8.76
C TYR B 81 -10.96 27.93 7.90
N LEU B 82 -11.09 26.95 6.99
CA LEU B 82 -10.07 26.56 6.01
C LEU B 82 -10.73 26.41 4.65
N LYS B 83 -9.99 26.76 3.57
CA LYS B 83 -10.45 26.66 2.17
C LYS B 83 -10.64 25.19 1.78
N GLU B 84 -9.85 24.30 2.41
CA GLU B 84 -9.84 22.85 2.23
C GLU B 84 -11.14 22.18 2.67
N GLU B 85 -11.97 22.86 3.49
CA GLU B 85 -13.26 22.36 3.96
C GLU B 85 -14.26 22.24 2.80
N GLN B 86 -14.14 23.13 1.80
CA GLN B 86 -14.98 23.18 0.60
C GLN B 86 -14.48 22.17 -0.44
N ASP B 87 -13.22 21.69 -0.31
CA ASP B 87 -12.62 20.70 -1.21
C ASP B 87 -13.14 19.30 -0.85
N GLN B 88 -13.69 18.58 -1.86
CA GLN B 88 -14.24 17.23 -1.69
C GLN B 88 -13.16 16.17 -1.50
N GLN B 89 -11.91 16.45 -1.90
CA GLN B 89 -10.77 15.53 -1.78
C GLN B 89 -10.18 15.51 -0.37
N TYR B 90 -10.58 16.48 0.47
CA TYR B 90 -10.11 16.67 1.84
C TYR B 90 -11.08 16.19 2.92
N ILE B 91 -10.53 15.57 3.98
CA ILE B 91 -11.27 15.10 5.15
C ILE B 91 -11.00 16.04 6.34
N CYS B 92 -12.04 16.77 6.78
CA CYS B 92 -11.94 17.75 7.85
C CYS B 92 -12.77 17.38 9.10
N ARG B 93 -12.18 17.57 10.29
CA ARG B 93 -12.82 17.33 11.58
C ARG B 93 -12.57 18.51 12.51
N ARG B 94 -13.55 18.80 13.35
CA ARG B 94 -13.51 19.89 14.32
C ARG B 94 -13.44 19.40 15.77
N ASP B 95 -12.76 20.17 16.62
CA ASP B 95 -12.60 19.92 18.05
C ASP B 95 -12.33 21.23 18.79
N VAL B 96 -12.00 21.16 20.10
CA VAL B 96 -11.69 22.31 20.96
C VAL B 96 -10.45 22.01 21.81
N VAL B 97 -9.62 23.04 22.07
CA VAL B 97 -8.41 22.91 22.91
C VAL B 97 -8.32 24.02 23.96
N ASP B 98 -7.53 23.79 25.02
CA ASP B 98 -7.35 24.76 26.10
C ASP B 98 -6.59 25.97 25.58
N ARG B 99 -7.20 27.15 25.70
CA ARG B 99 -6.61 28.42 25.28
C ARG B 99 -6.54 29.36 26.47
N GLY B 100 -5.57 30.27 26.43
CA GLY B 100 -5.35 31.25 27.49
C GLY B 100 -4.28 32.25 27.11
N TRP B 101 -3.84 33.04 28.10
CA TRP B 101 -2.82 34.08 27.96
C TRP B 101 -1.51 33.59 27.33
N GLY B 102 -1.07 32.39 27.73
CA GLY B 102 0.15 31.75 27.22
C GLY B 102 0.05 31.29 25.79
N ASN B 103 -1.17 30.96 25.32
CA ASN B 103 -1.46 30.51 23.95
C ASN B 103 -1.84 31.68 23.04
N GLY B 104 -1.64 32.91 23.53
CA GLY B 104 -1.93 34.13 22.79
C GLY B 104 -3.37 34.56 22.77
N CYS B 105 -4.20 34.00 23.67
CA CYS B 105 -5.62 34.36 23.77
C CYS B 105 -5.87 35.25 24.99
N GLY B 106 -6.64 36.32 24.80
CA GLY B 106 -7.01 37.22 25.88
C GLY B 106 -7.96 36.56 26.87
N LEU B 107 -8.77 35.60 26.38
CA LEU B 107 -9.75 34.86 27.16
C LEU B 107 -9.34 33.39 27.34
N PHE B 108 -9.71 32.83 28.51
CA PHE B 108 -9.44 31.43 28.87
C PHE B 108 -10.67 30.59 28.52
N GLY B 109 -10.45 29.31 28.30
CA GLY B 109 -11.51 28.39 27.94
C GLY B 109 -11.13 27.54 26.74
N LYS B 110 -12.13 26.84 26.18
CA LYS B 110 -11.94 25.97 25.04
C LYS B 110 -12.10 26.74 23.73
N GLY B 111 -11.07 26.69 22.90
CA GLY B 111 -11.02 27.38 21.61
C GLY B 111 -11.10 26.39 20.46
N GLY B 112 -12.06 26.62 19.57
CA GLY B 112 -12.34 25.81 18.39
C GLY B 112 -11.16 25.62 17.46
N VAL B 113 -10.97 24.37 17.01
CA VAL B 113 -9.91 23.97 16.07
C VAL B 113 -10.49 23.15 14.93
N VAL B 114 -9.87 23.21 13.75
CA VAL B 114 -10.25 22.45 12.56
C VAL B 114 -8.98 21.90 11.89
N THR B 115 -9.01 20.60 11.52
CA THR B 115 -7.88 19.94 10.87
C THR B 115 -8.36 19.29 9.58
N CYS B 116 -7.61 19.49 8.49
CA CYS B 116 -7.92 18.92 7.18
C CYS B 116 -6.75 18.10 6.65
N ALA B 117 -7.05 17.10 5.81
CA ALA B 117 -6.05 16.22 5.22
C ALA B 117 -6.49 15.75 3.84
N LYS B 118 -5.51 15.61 2.92
CA LYS B 118 -5.75 15.13 1.56
C LYS B 118 -5.82 13.60 1.56
N PHE B 119 -7.04 13.08 1.34
CA PHE B 119 -7.34 11.66 1.29
C PHE B 119 -7.13 11.11 -0.13
N SER B 120 -6.32 10.06 -0.23
CA SER B 120 -6.02 9.40 -1.50
C SER B 120 -6.15 7.89 -1.35
N CYS B 121 -6.87 7.25 -2.29
CA CYS B 121 -7.06 5.81 -2.30
C CYS B 121 -5.96 5.16 -3.11
N SER B 122 -5.33 4.10 -2.55
CA SER B 122 -4.25 3.37 -3.19
C SER B 122 -4.65 1.93 -3.53
N GLY B 123 -5.73 1.46 -2.92
CA GLY B 123 -6.27 0.13 -3.10
C GLY B 123 -7.78 0.13 -3.00
N LYS B 124 -8.46 -0.29 -4.08
CA LYS B 124 -9.93 -0.31 -4.13
C LYS B 124 -10.52 -1.67 -4.50
N ILE B 125 -11.81 -1.86 -4.14
CA ILE B 125 -12.58 -3.08 -4.44
C ILE B 125 -13.88 -2.69 -5.14
N THR B 126 -14.26 -3.45 -6.18
CA THR B 126 -15.46 -3.16 -6.97
C THR B 126 -16.54 -4.22 -6.81
N GLY B 127 -17.79 -3.77 -6.87
CA GLY B 127 -18.96 -4.64 -6.79
C GLY B 127 -19.88 -4.38 -7.96
N ASN B 128 -20.01 -5.37 -8.85
CA ASN B 128 -20.81 -5.30 -10.06
C ASN B 128 -22.09 -6.13 -9.97
N LEU B 129 -23.19 -5.57 -10.49
CA LEU B 129 -24.51 -6.22 -10.51
C LEU B 129 -24.58 -7.26 -11.61
N VAL B 130 -24.88 -8.51 -11.23
CA VAL B 130 -25.03 -9.61 -12.18
C VAL B 130 -26.52 -9.82 -12.54
N GLN B 131 -26.83 -9.66 -13.83
CA GLN B 131 -28.17 -9.82 -14.40
C GLN B 131 -28.25 -11.13 -15.19
N ILE B 132 -29.37 -11.86 -15.07
CA ILE B 132 -29.53 -13.17 -15.73
C ILE B 132 -29.88 -13.05 -17.24
N GLU B 133 -30.51 -11.93 -17.66
CA GLU B 133 -30.91 -11.65 -19.04
C GLU B 133 -29.71 -11.42 -19.96
N ASN B 134 -28.64 -10.78 -19.45
CA ASN B 134 -27.43 -10.45 -20.20
C ASN B 134 -26.44 -11.62 -20.32
N LEU B 135 -26.69 -12.75 -19.62
CA LEU B 135 -25.81 -13.93 -19.63
C LEU B 135 -25.67 -14.57 -21.00
N GLU B 136 -24.44 -14.98 -21.33
CA GLU B 136 -24.10 -15.63 -22.59
C GLU B 136 -23.38 -16.96 -22.30
N TYR B 137 -23.95 -18.06 -22.80
CA TYR B 137 -23.42 -19.41 -22.60
C TYR B 137 -22.68 -19.87 -23.85
N THR B 138 -21.39 -20.25 -23.70
CA THR B 138 -20.56 -20.74 -24.79
C THR B 138 -20.53 -22.27 -24.72
N VAL B 139 -21.08 -22.93 -25.74
CA VAL B 139 -21.15 -24.38 -25.82
C VAL B 139 -20.29 -24.84 -27.02
N VAL B 140 -19.38 -25.80 -26.77
CA VAL B 140 -18.50 -26.34 -27.81
C VAL B 140 -18.93 -27.79 -28.11
N VAL B 141 -19.33 -28.04 -29.36
CA VAL B 141 -19.75 -29.35 -29.84
C VAL B 141 -18.67 -29.95 -30.76
N THR B 142 -18.10 -31.09 -30.34
CA THR B 142 -17.01 -31.79 -31.04
C THR B 142 -17.47 -33.16 -31.55
N VAL B 143 -17.00 -33.55 -32.73
CA VAL B 143 -17.32 -34.85 -33.33
C VAL B 143 -16.12 -35.76 -33.11
N HIS B 144 -16.35 -37.08 -32.95
CA HIS B 144 -15.30 -38.07 -32.75
C HIS B 144 -14.43 -38.23 -34.01
N ASN B 145 -13.13 -37.90 -33.85
CA ASN B 145 -12.04 -37.90 -34.84
C ASN B 145 -12.31 -36.92 -36.00
N HIS B 158 -11.16 -30.11 -33.20
CA HIS B 158 -11.18 -28.67 -32.93
C HIS B 158 -12.48 -28.19 -32.27
N GLY B 159 -13.62 -28.65 -32.81
CA GLY B 159 -14.95 -28.32 -32.31
C GLY B 159 -15.54 -27.05 -32.89
N VAL B 160 -16.89 -26.96 -32.85
CA VAL B 160 -17.65 -25.81 -33.36
C VAL B 160 -18.31 -25.08 -32.17
N THR B 161 -17.99 -23.79 -32.00
CA THR B 161 -18.51 -22.95 -30.92
C THR B 161 -19.95 -22.50 -31.22
N ALA B 162 -20.79 -22.44 -30.18
CA ALA B 162 -22.19 -22.02 -30.24
C ALA B 162 -22.54 -21.14 -29.05
N MET B 163 -23.40 -20.12 -29.28
CA MET B 163 -23.82 -19.17 -28.24
C MET B 163 -25.29 -19.29 -27.87
N ILE B 164 -25.55 -19.38 -26.56
CA ILE B 164 -26.88 -19.48 -25.97
C ILE B 164 -27.11 -18.22 -25.13
N THR B 165 -28.18 -17.47 -25.45
CA THR B 165 -28.58 -16.24 -24.76
C THR B 165 -30.06 -16.41 -24.39
N PRO B 166 -30.57 -15.93 -23.22
CA PRO B 166 -32.01 -16.08 -22.93
C PRO B 166 -32.94 -15.55 -24.03
N ARG B 167 -32.45 -14.55 -24.80
CA ARG B 167 -33.18 -13.94 -25.92
C ARG B 167 -33.16 -14.84 -27.16
N SER B 168 -32.00 -15.46 -27.47
CA SER B 168 -31.83 -16.40 -28.59
C SER B 168 -31.39 -17.78 -28.05
N PRO B 169 -32.34 -18.58 -27.50
CA PRO B 169 -31.97 -19.88 -26.93
C PRO B 169 -31.68 -20.97 -27.95
N SER B 170 -32.46 -21.02 -29.05
CA SER B 170 -32.29 -22.03 -30.10
C SER B 170 -31.23 -21.55 -31.10
N VAL B 171 -30.26 -22.43 -31.42
CA VAL B 171 -29.18 -22.11 -32.36
C VAL B 171 -28.89 -23.30 -33.31
N GLU B 172 -28.65 -22.99 -34.60
CA GLU B 172 -28.34 -23.99 -35.63
C GLU B 172 -26.82 -24.15 -35.72
N VAL B 173 -26.33 -25.38 -35.51
CA VAL B 173 -24.89 -25.69 -35.55
C VAL B 173 -24.55 -26.55 -36.76
N LYS B 174 -23.75 -25.98 -37.67
CA LYS B 174 -23.29 -26.63 -38.90
C LYS B 174 -21.97 -27.35 -38.64
N LEU B 175 -21.90 -28.63 -39.02
CA LEU B 175 -20.70 -29.46 -38.87
C LEU B 175 -20.27 -29.95 -40.27
N PRO B 176 -19.04 -29.61 -40.73
CA PRO B 176 -18.62 -30.04 -42.07
C PRO B 176 -18.57 -31.57 -42.22
N ASP B 177 -19.25 -32.09 -43.27
CA ASP B 177 -19.39 -33.50 -43.65
C ASP B 177 -20.24 -34.36 -42.69
N TYR B 178 -20.70 -33.79 -41.56
CA TYR B 178 -21.51 -34.51 -40.57
C TYR B 178 -22.97 -34.04 -40.51
N GLY B 179 -23.26 -32.93 -41.19
CA GLY B 179 -24.61 -32.38 -41.25
C GLY B 179 -24.83 -31.12 -40.44
N GLU B 180 -26.00 -31.05 -39.77
CA GLU B 180 -26.43 -29.91 -38.99
C GLU B 180 -27.29 -30.35 -37.80
N LEU B 181 -27.22 -29.62 -36.67
CA LEU B 181 -28.03 -29.89 -35.48
C LEU B 181 -28.61 -28.62 -34.88
N THR B 182 -29.78 -28.72 -34.24
CA THR B 182 -30.42 -27.59 -33.58
C THR B 182 -30.26 -27.74 -32.07
N LEU B 183 -29.65 -26.73 -31.44
CA LEU B 183 -29.39 -26.73 -30.00
C LEU B 183 -30.35 -25.77 -29.29
N ASP B 184 -31.48 -26.32 -28.78
CA ASP B 184 -32.50 -25.56 -28.07
C ASP B 184 -32.29 -25.73 -26.56
N CYS B 185 -31.79 -24.67 -25.90
CA CYS B 185 -31.47 -24.69 -24.47
C CYS B 185 -32.31 -23.72 -23.66
N GLU B 186 -32.35 -23.93 -22.32
CA GLU B 186 -33.07 -23.08 -21.38
C GLU B 186 -32.23 -22.87 -20.11
N PRO B 187 -31.82 -21.62 -19.79
CA PRO B 187 -30.97 -21.40 -18.60
C PRO B 187 -31.68 -21.68 -17.28
N ARG B 188 -31.05 -22.53 -16.43
CA ARG B 188 -31.57 -22.92 -15.12
C ARG B 188 -30.52 -22.71 -14.03
N SER B 189 -30.86 -21.93 -12.99
CA SER B 189 -29.98 -21.62 -11.87
C SER B 189 -30.74 -21.59 -10.54
N GLY B 190 -30.09 -22.06 -9.48
CA GLY B 190 -30.65 -22.12 -8.14
C GLY B 190 -30.56 -20.83 -7.35
N ILE B 191 -29.35 -20.26 -7.24
CA ILE B 191 -29.07 -19.03 -6.50
C ILE B 191 -29.68 -17.79 -7.21
N ASP B 192 -30.25 -16.86 -6.43
CA ASP B 192 -30.86 -15.64 -6.94
C ASP B 192 -29.79 -14.57 -7.18
N PHE B 193 -29.58 -14.18 -8.45
CA PHE B 193 -28.59 -13.18 -8.86
C PHE B 193 -29.03 -11.73 -8.56
N ASN B 194 -30.33 -11.53 -8.28
CA ASN B 194 -30.93 -10.24 -7.93
C ASN B 194 -30.49 -9.82 -6.51
N GLU B 195 -30.09 -10.81 -5.69
CA GLU B 195 -29.62 -10.65 -4.30
C GLU B 195 -28.10 -10.92 -4.19
N MET B 196 -27.43 -11.15 -5.34
CA MET B 196 -25.98 -11.43 -5.41
C MET B 196 -25.18 -10.34 -6.13
N ILE B 197 -23.97 -10.09 -5.64
CA ILE B 197 -23.00 -9.12 -6.12
C ILE B 197 -21.68 -9.82 -6.48
N LEU B 198 -21.05 -9.39 -7.58
CA LEU B 198 -19.77 -9.90 -8.07
C LEU B 198 -18.65 -8.97 -7.56
N MET B 199 -18.07 -9.32 -6.40
CA MET B 199 -17.02 -8.53 -5.75
C MET B 199 -15.61 -8.86 -6.25
N LYS B 200 -14.89 -7.85 -6.76
CA LYS B 200 -13.53 -7.98 -7.27
C LYS B 200 -12.53 -7.29 -6.32
N MET B 201 -11.41 -7.99 -6.02
CA MET B 201 -10.33 -7.49 -5.16
C MET B 201 -8.97 -7.92 -5.72
N LYS B 202 -8.26 -6.95 -6.34
CA LYS B 202 -6.94 -7.09 -6.97
C LYS B 202 -6.93 -8.15 -8.09
N LYS B 203 -6.73 -9.44 -7.75
CA LYS B 203 -6.70 -10.53 -8.73
C LYS B 203 -7.80 -11.58 -8.54
N LYS B 204 -8.37 -11.66 -7.32
CA LYS B 204 -9.44 -12.61 -7.00
C LYS B 204 -10.83 -11.98 -7.09
N THR B 205 -11.85 -12.81 -7.38
CA THR B 205 -13.25 -12.41 -7.53
C THR B 205 -14.15 -13.34 -6.70
N TRP B 206 -15.22 -12.80 -6.09
CA TRP B 206 -16.17 -13.54 -5.27
C TRP B 206 -17.61 -13.20 -5.63
N LEU B 207 -18.56 -14.06 -5.21
CA LEU B 207 -19.98 -13.86 -5.38
C LEU B 207 -20.54 -13.71 -3.97
N VAL B 208 -20.84 -12.47 -3.58
CA VAL B 208 -21.31 -12.12 -2.23
C VAL B 208 -22.75 -11.61 -2.20
N HIS B 209 -23.39 -11.64 -1.01
CA HIS B 209 -24.75 -11.16 -0.81
C HIS B 209 -24.78 -9.63 -0.95
N LYS B 210 -25.78 -9.12 -1.72
CA LYS B 210 -25.96 -7.71 -2.02
C LYS B 210 -25.97 -6.81 -0.79
N GLN B 211 -26.78 -7.18 0.23
CA GLN B 211 -26.91 -6.43 1.49
C GLN B 211 -25.59 -6.37 2.25
N TRP B 212 -24.90 -7.52 2.38
CA TRP B 212 -23.61 -7.63 3.08
C TRP B 212 -22.57 -6.68 2.48
N PHE B 213 -22.50 -6.62 1.13
CA PHE B 213 -21.59 -5.77 0.37
C PHE B 213 -21.92 -4.28 0.59
N LEU B 214 -23.22 -3.91 0.57
CA LEU B 214 -23.66 -2.53 0.77
C LEU B 214 -23.48 -2.05 2.21
N ASP B 215 -23.41 -2.99 3.17
CA ASP B 215 -23.24 -2.69 4.60
C ASP B 215 -21.77 -2.56 5.04
N LEU B 216 -20.81 -2.80 4.12
CA LEU B 216 -19.36 -2.71 4.39
C LEU B 216 -18.93 -1.35 4.94
N PRO B 217 -18.32 -1.29 6.15
CA PRO B 217 -17.93 0.01 6.72
C PRO B 217 -16.60 0.55 6.18
N LEU B 218 -16.59 0.93 4.90
CA LEU B 218 -15.41 1.47 4.20
C LEU B 218 -15.79 2.69 3.34
N PRO B 219 -14.84 3.62 3.01
CA PRO B 219 -15.20 4.73 2.11
C PRO B 219 -15.59 4.22 0.73
N TRP B 220 -16.57 4.86 0.08
CA TRP B 220 -17.06 4.39 -1.22
C TRP B 220 -17.43 5.50 -2.20
N THR B 221 -17.58 5.12 -3.47
CA THR B 221 -17.98 5.96 -4.60
C THR B 221 -18.87 5.17 -5.57
N ALA B 222 -19.63 5.89 -6.43
CA ALA B 222 -20.49 5.29 -7.44
C ALA B 222 -19.95 5.65 -8.85
N GLY B 223 -19.61 4.62 -9.62
CA GLY B 223 -19.05 4.79 -10.95
C GLY B 223 -17.53 4.87 -10.94
N GLU B 228 -9.00 12.59 -9.50
CA GLU B 228 -10.32 13.16 -9.70
C GLU B 228 -11.42 12.13 -9.38
N VAL B 229 -11.47 11.71 -8.09
CA VAL B 229 -12.42 10.72 -7.54
C VAL B 229 -12.97 11.27 -6.20
N HIS B 230 -14.32 11.29 -6.04
CA HIS B 230 -14.93 11.73 -4.79
C HIS B 230 -15.27 10.53 -3.90
N TRP B 231 -14.79 10.55 -2.65
CA TRP B 231 -15.01 9.47 -1.68
C TRP B 231 -16.01 9.85 -0.60
N ASN B 232 -17.06 9.03 -0.44
CA ASN B 232 -18.10 9.20 0.58
C ASN B 232 -17.70 8.40 1.80
N TYR B 233 -17.75 9.04 2.98
CA TYR B 233 -17.40 8.48 4.29
C TYR B 233 -15.91 8.10 4.41
N LYS B 234 -15.03 9.11 4.24
CA LYS B 234 -13.57 8.99 4.35
C LYS B 234 -13.13 8.64 5.76
N GLU B 235 -13.91 9.08 6.78
CA GLU B 235 -13.66 8.86 8.20
C GLU B 235 -13.69 7.36 8.61
N ARG B 236 -14.16 6.48 7.70
CA ARG B 236 -14.22 5.03 7.91
C ARG B 236 -12.82 4.40 7.74
N MET B 237 -11.86 5.23 7.31
CA MET B 237 -10.46 4.91 6.99
C MET B 237 -9.51 5.93 7.64
N VAL B 238 -10.06 7.07 8.13
CA VAL B 238 -9.31 8.18 8.72
C VAL B 238 -9.71 8.46 10.17
N THR B 239 -8.74 8.39 11.09
CA THR B 239 -8.91 8.65 12.52
C THR B 239 -8.14 9.93 12.90
N PHE B 240 -8.69 10.70 13.84
CA PHE B 240 -8.06 11.93 14.31
C PHE B 240 -7.41 11.75 15.69
N LYS B 241 -7.38 10.49 16.19
CA LYS B 241 -6.79 10.10 17.49
C LYS B 241 -5.27 10.24 17.51
N VAL B 242 -4.76 10.88 18.58
CA VAL B 242 -3.34 11.13 18.81
C VAL B 242 -2.90 10.63 20.20
N PRO B 243 -1.69 10.05 20.37
CA PRO B 243 -1.29 9.56 21.70
C PRO B 243 -0.97 10.69 22.70
N GLN B 248 -2.13 17.36 17.84
CA GLN B 248 -3.04 17.38 16.70
C GLN B 248 -2.39 16.77 15.47
N ASP B 249 -3.01 15.71 14.91
CA ASP B 249 -2.54 14.98 13.72
C ASP B 249 -3.64 14.05 13.13
N VAL B 250 -3.55 13.77 11.83
CA VAL B 250 -4.45 12.87 11.08
C VAL B 250 -3.79 11.51 10.91
N THR B 251 -4.54 10.45 11.26
CA THR B 251 -4.03 9.07 11.18
C THR B 251 -4.83 8.20 10.21
N VAL B 252 -4.11 7.40 9.39
CA VAL B 252 -4.72 6.48 8.43
C VAL B 252 -4.90 5.07 9.09
N LEU B 253 -5.94 4.34 8.69
CA LEU B 253 -6.31 3.04 9.25
C LEU B 253 -5.57 1.80 8.68
N GLY B 254 -4.75 1.96 7.64
CA GLY B 254 -4.00 0.85 7.04
C GLY B 254 -4.84 -0.11 6.22
N SER B 255 -4.17 -0.89 5.34
CA SER B 255 -4.78 -1.85 4.40
C SER B 255 -5.75 -2.85 5.04
N GLN B 256 -6.97 -2.86 4.51
CA GLN B 256 -8.12 -3.69 4.91
C GLN B 256 -8.23 -4.95 4.04
N GLU B 257 -7.16 -5.25 3.28
CA GLU B 257 -7.06 -6.40 2.37
C GLU B 257 -7.19 -7.73 3.10
N GLY B 258 -6.41 -7.91 4.17
CA GLY B 258 -6.42 -9.12 5.00
C GLY B 258 -7.70 -9.27 5.79
N ALA B 259 -8.27 -8.15 6.26
CA ALA B 259 -9.53 -8.11 7.00
C ALA B 259 -10.68 -8.57 6.11
N MET B 260 -10.63 -8.21 4.80
CA MET B 260 -11.60 -8.60 3.79
C MET B 260 -11.53 -10.10 3.53
N HIS B 261 -10.30 -10.65 3.33
CA HIS B 261 -10.07 -12.08 3.09
C HIS B 261 -10.62 -12.93 4.22
N SER B 262 -10.60 -12.41 5.47
CA SER B 262 -11.13 -13.07 6.66
C SER B 262 -12.66 -13.13 6.59
N ALA B 263 -13.29 -12.03 6.16
CA ALA B 263 -14.74 -11.88 6.00
C ALA B 263 -15.32 -12.64 4.79
N LEU B 264 -14.46 -13.10 3.86
CA LEU B 264 -14.84 -13.85 2.66
C LEU B 264 -14.56 -15.36 2.80
N ALA B 265 -14.37 -15.84 4.05
CA ALA B 265 -14.09 -17.24 4.37
C ALA B 265 -15.20 -18.19 3.92
N GLY B 266 -16.45 -17.78 4.11
CA GLY B 266 -17.63 -18.56 3.73
C GLY B 266 -18.00 -18.44 2.26
N ALA B 267 -17.86 -17.20 1.70
CA ALA B 267 -18.17 -16.83 0.32
C ALA B 267 -17.54 -17.74 -0.76
N THR B 268 -18.22 -17.83 -1.92
CA THR B 268 -17.80 -18.65 -3.05
C THR B 268 -16.88 -17.84 -3.97
N GLU B 269 -15.65 -18.34 -4.20
CA GLU B 269 -14.69 -17.69 -5.08
C GLU B 269 -15.01 -18.01 -6.55
N VAL B 270 -14.94 -16.99 -7.42
CA VAL B 270 -15.22 -17.07 -8.86
C VAL B 270 -13.92 -16.76 -9.63
N ASP B 271 -13.79 -17.28 -10.87
CA ASP B 271 -12.62 -17.05 -11.73
C ASP B 271 -12.70 -15.70 -12.42
N HIS B 277 -16.23 -13.85 -14.82
CA HIS B 277 -17.02 -14.26 -15.98
C HIS B 277 -17.18 -15.79 -16.09
N MET B 278 -16.95 -16.52 -14.98
CA MET B 278 -17.06 -17.99 -14.97
C MET B 278 -18.11 -18.48 -13.97
N PHE B 279 -19.32 -17.87 -14.01
CA PHE B 279 -20.46 -18.17 -13.15
C PHE B 279 -20.90 -19.63 -13.20
N ALA B 280 -21.42 -20.16 -12.06
CA ALA B 280 -21.90 -21.53 -11.94
C ALA B 280 -23.40 -21.64 -12.18
N GLY B 281 -23.80 -22.66 -12.94
CA GLY B 281 -25.18 -22.94 -13.30
C GLY B 281 -25.29 -23.89 -14.47
N HIS B 282 -26.05 -24.98 -14.29
CA HIS B 282 -26.25 -26.01 -15.31
C HIS B 282 -27.27 -25.60 -16.39
N LEU B 283 -26.84 -25.63 -17.66
CA LEU B 283 -27.67 -25.33 -18.82
C LEU B 283 -28.33 -26.62 -19.32
N LYS B 284 -29.67 -26.65 -19.34
CA LYS B 284 -30.46 -27.80 -19.81
C LYS B 284 -30.72 -27.63 -21.30
N CYS B 285 -30.33 -28.62 -22.11
CA CYS B 285 -30.46 -28.56 -23.57
C CYS B 285 -31.22 -29.73 -24.18
N LYS B 286 -31.85 -29.45 -25.34
CA LYS B 286 -32.58 -30.39 -26.19
C LYS B 286 -31.93 -30.27 -27.57
N VAL B 287 -31.29 -31.35 -28.03
CA VAL B 287 -30.58 -31.37 -29.32
C VAL B 287 -31.38 -32.14 -30.40
N ARG B 288 -31.52 -31.52 -31.59
CA ARG B 288 -32.22 -32.10 -32.74
C ARG B 288 -31.18 -32.75 -33.65
N MET B 289 -31.14 -34.09 -33.65
CA MET B 289 -30.19 -34.88 -34.43
C MET B 289 -30.77 -35.37 -35.77
N GLU B 290 -31.81 -34.68 -36.25
CA GLU B 290 -32.54 -35.02 -37.48
C GLU B 290 -31.71 -34.85 -38.76
N LYS B 291 -31.04 -33.68 -38.93
CA LYS B 291 -30.23 -33.37 -40.10
C LYS B 291 -28.78 -33.90 -40.03
N LEU B 292 -28.45 -34.69 -38.97
CA LEU B 292 -27.11 -35.26 -38.78
C LEU B 292 -26.92 -36.56 -39.55
N ARG B 293 -25.70 -36.74 -40.11
CA ARG B 293 -25.29 -37.91 -40.89
C ARG B 293 -23.89 -38.40 -40.47
N ILE B 294 -23.64 -39.72 -40.58
CA ILE B 294 -22.34 -40.30 -40.23
C ILE B 294 -21.38 -40.27 -41.42
N LYS B 295 -20.31 -39.46 -41.32
CA LYS B 295 -19.26 -39.41 -42.33
C LYS B 295 -18.46 -40.70 -42.14
N GLY B 296 -18.55 -41.58 -43.12
CA GLY B 296 -17.90 -42.88 -43.06
C GLY B 296 -18.76 -43.97 -43.67
N MET B 297 -20.11 -43.84 -43.51
CA MET B 297 -21.11 -44.78 -44.03
C MET B 297 -21.08 -44.83 -45.56
N SER B 298 -20.67 -43.72 -46.20
CA SER B 298 -20.55 -43.58 -47.65
C SER B 298 -19.29 -44.26 -48.23
N TYR B 299 -18.40 -44.78 -47.35
CA TYR B 299 -17.15 -45.46 -47.74
C TYR B 299 -17.22 -46.98 -47.55
N THR B 300 -16.29 -47.71 -48.21
CA THR B 300 -16.16 -49.17 -48.13
C THR B 300 -15.14 -49.52 -47.04
N MET B 301 -15.04 -50.80 -46.63
CA MET B 301 -14.12 -51.26 -45.60
C MET B 301 -12.65 -51.18 -46.06
N CYS B 302 -11.73 -50.84 -45.13
CA CYS B 302 -10.30 -50.77 -45.43
C CYS B 302 -9.76 -52.19 -45.64
N SER B 303 -8.97 -52.38 -46.70
CA SER B 303 -8.38 -53.68 -47.04
C SER B 303 -6.96 -53.83 -46.49
N GLY B 304 -6.21 -52.73 -46.48
CA GLY B 304 -4.82 -52.66 -46.04
C GLY B 304 -4.54 -52.87 -44.56
N LYS B 305 -3.25 -52.76 -44.20
CA LYS B 305 -2.71 -52.95 -42.86
C LYS B 305 -2.84 -51.68 -41.99
N PHE B 306 -3.04 -51.89 -40.67
CA PHE B 306 -3.12 -50.85 -39.66
C PHE B 306 -2.01 -51.05 -38.64
N SER B 307 -1.60 -49.97 -37.97
CA SER B 307 -0.59 -49.98 -36.91
C SER B 307 -1.05 -49.07 -35.77
N ILE B 308 -0.57 -49.32 -34.55
CA ILE B 308 -0.93 -48.49 -33.40
C ILE B 308 -0.08 -47.22 -33.37
N ASP B 309 -0.74 -46.08 -33.45
CA ASP B 309 -0.11 -44.77 -33.39
C ASP B 309 0.05 -44.39 -31.93
N LYS B 310 -1.01 -44.63 -31.16
CA LYS B 310 -0.98 -44.40 -29.73
C LYS B 310 -1.50 -45.64 -29.05
N GLU B 311 -0.70 -46.21 -28.16
CA GLU B 311 -1.10 -47.40 -27.44
C GLU B 311 -2.46 -47.20 -26.83
N MET B 312 -3.17 -48.30 -26.58
CA MET B 312 -4.51 -48.24 -26.02
C MET B 312 -4.49 -48.01 -24.52
N ALA B 313 -5.28 -47.05 -24.07
CA ALA B 313 -5.32 -46.68 -22.66
C ALA B 313 -6.74 -46.60 -22.12
N GLU B 314 -6.92 -47.00 -20.86
CA GLU B 314 -8.20 -46.99 -20.16
C GLU B 314 -8.46 -45.59 -19.61
N THR B 315 -9.71 -45.13 -19.73
CA THR B 315 -10.14 -43.82 -19.25
C THR B 315 -10.76 -43.96 -17.83
N GLN B 316 -11.15 -42.84 -17.23
CA GLN B 316 -11.78 -42.80 -15.91
C GLN B 316 -13.28 -43.17 -15.97
N HIS B 317 -13.78 -43.59 -17.15
CA HIS B 317 -15.20 -43.93 -17.40
C HIS B 317 -15.45 -45.39 -17.81
N GLY B 318 -14.44 -46.24 -17.63
CA GLY B 318 -14.52 -47.66 -17.99
C GLY B 318 -14.49 -47.90 -19.49
N THR B 319 -13.98 -46.91 -20.25
CA THR B 319 -13.84 -46.99 -21.70
C THR B 319 -12.36 -46.97 -22.06
N THR B 320 -12.02 -47.35 -23.30
CA THR B 320 -10.64 -47.34 -23.79
C THR B 320 -10.53 -46.47 -25.02
N VAL B 321 -9.32 -45.92 -25.27
CA VAL B 321 -9.04 -45.08 -26.43
C VAL B 321 -7.76 -45.52 -27.08
N VAL B 322 -7.75 -45.55 -28.42
CA VAL B 322 -6.61 -45.96 -29.23
C VAL B 322 -6.53 -45.12 -30.54
N LYS B 323 -5.30 -44.77 -30.94
CA LYS B 323 -5.01 -44.07 -32.19
C LYS B 323 -4.43 -45.11 -33.16
N VAL B 324 -5.01 -45.22 -34.37
CA VAL B 324 -4.54 -46.17 -35.38
C VAL B 324 -4.09 -45.43 -36.65
N LYS B 325 -2.97 -45.87 -37.23
CA LYS B 325 -2.43 -45.29 -38.46
C LYS B 325 -2.69 -46.26 -39.61
N TYR B 326 -3.45 -45.83 -40.62
CA TYR B 326 -3.72 -46.66 -41.79
C TYR B 326 -2.56 -46.58 -42.76
N GLU B 327 -1.80 -47.67 -42.85
CA GLU B 327 -0.61 -47.79 -43.70
C GLU B 327 -0.93 -48.30 -45.12
N GLY B 328 -2.14 -48.84 -45.31
CA GLY B 328 -2.61 -49.39 -46.58
C GLY B 328 -3.16 -48.37 -47.55
N ALA B 329 -3.64 -48.86 -48.71
CA ALA B 329 -4.20 -48.05 -49.79
C ALA B 329 -5.72 -48.22 -49.91
N GLY B 330 -6.36 -47.38 -50.73
CA GLY B 330 -7.79 -47.41 -50.97
C GLY B 330 -8.60 -46.52 -50.03
N ALA B 331 -7.91 -45.55 -49.39
CA ALA B 331 -8.53 -44.59 -48.47
C ALA B 331 -9.06 -43.38 -49.25
N PRO B 332 -10.18 -42.71 -48.86
CA PRO B 332 -11.02 -42.92 -47.66
C PRO B 332 -11.74 -44.27 -47.59
N CYS B 333 -11.66 -44.91 -46.40
CA CYS B 333 -12.28 -46.20 -46.12
C CYS B 333 -12.63 -46.38 -44.64
N LYS B 334 -13.63 -47.22 -44.35
CA LYS B 334 -14.11 -47.57 -43.00
C LYS B 334 -13.05 -48.40 -42.27
N VAL B 335 -12.78 -48.04 -41.00
CA VAL B 335 -11.83 -48.75 -40.14
C VAL B 335 -12.54 -49.98 -39.54
N PRO B 336 -12.08 -51.22 -39.80
CA PRO B 336 -12.77 -52.39 -39.24
C PRO B 336 -12.33 -52.71 -37.81
N ILE B 337 -13.23 -52.52 -36.82
CA ILE B 337 -12.95 -52.81 -35.40
C ILE B 337 -14.06 -53.68 -34.82
N GLU B 338 -13.67 -54.68 -34.02
CA GLU B 338 -14.57 -55.59 -33.33
C GLU B 338 -13.95 -56.00 -32.01
N ILE B 339 -14.76 -56.07 -30.94
CA ILE B 339 -14.31 -56.52 -29.62
C ILE B 339 -14.78 -57.96 -29.47
N ARG B 340 -13.85 -58.92 -29.63
CA ARG B 340 -14.13 -60.35 -29.54
C ARG B 340 -13.85 -60.89 -28.13
N ASP B 341 -14.44 -62.05 -27.79
CA ASP B 341 -14.27 -62.70 -26.48
C ASP B 341 -12.87 -63.34 -26.29
N VAL B 342 -12.66 -64.04 -25.15
CA VAL B 342 -11.43 -64.73 -24.76
C VAL B 342 -11.03 -65.78 -25.82
N ASN B 343 -12.02 -66.47 -26.41
CA ASN B 343 -11.86 -67.51 -27.43
C ASN B 343 -11.77 -66.92 -28.86
N LYS B 344 -11.85 -65.57 -28.99
CA LYS B 344 -11.79 -64.82 -30.26
C LYS B 344 -12.87 -65.26 -31.27
N GLU B 345 -14.10 -65.49 -30.79
CA GLU B 345 -15.20 -65.97 -31.64
C GLU B 345 -16.35 -64.96 -31.82
N LYS B 346 -17.06 -64.63 -30.73
CA LYS B 346 -18.22 -63.74 -30.77
C LYS B 346 -17.92 -62.30 -30.37
N VAL B 347 -18.65 -61.33 -30.97
CA VAL B 347 -18.53 -59.90 -30.67
C VAL B 347 -19.24 -59.69 -29.32
N VAL B 348 -18.48 -59.24 -28.32
CA VAL B 348 -18.96 -59.07 -26.94
C VAL B 348 -19.02 -57.59 -26.47
N GLY B 349 -18.04 -56.78 -26.90
CA GLY B 349 -17.98 -55.38 -26.51
C GLY B 349 -18.87 -54.44 -27.30
N ARG B 350 -18.57 -53.13 -27.22
CA ARG B 350 -19.28 -52.06 -27.91
C ARG B 350 -18.30 -50.93 -28.30
N ILE B 351 -18.51 -50.34 -29.49
CA ILE B 351 -17.68 -49.23 -30.00
C ILE B 351 -18.45 -47.93 -29.78
N ILE B 352 -17.83 -46.95 -29.10
CA ILE B 352 -18.44 -45.64 -28.83
C ILE B 352 -18.36 -44.74 -30.08
N SER B 353 -17.15 -44.60 -30.68
CA SER B 353 -16.91 -43.79 -31.88
C SER B 353 -17.66 -44.35 -33.13
N SER B 354 -18.63 -43.56 -33.64
CA SER B 354 -19.52 -43.87 -34.75
C SER B 354 -18.81 -44.02 -36.08
N THR B 355 -18.79 -45.26 -36.60
CA THR B 355 -18.18 -45.68 -37.88
C THR B 355 -16.86 -44.93 -38.19
N PRO B 356 -15.75 -45.23 -37.48
CA PRO B 356 -14.48 -44.52 -37.77
C PRO B 356 -13.92 -44.79 -39.16
N LEU B 357 -13.37 -43.74 -39.79
CA LEU B 357 -12.81 -43.77 -41.14
C LEU B 357 -11.32 -43.41 -41.18
N ALA B 358 -10.63 -43.82 -42.25
CA ALA B 358 -9.25 -43.49 -42.54
C ALA B 358 -9.30 -42.57 -43.75
N GLU B 359 -9.11 -41.25 -43.54
CA GLU B 359 -9.20 -40.20 -44.55
C GLU B 359 -8.30 -40.41 -45.78
N ASN B 360 -7.01 -40.65 -45.55
CA ASN B 360 -6.01 -40.88 -46.61
C ASN B 360 -4.97 -41.92 -46.16
N THR B 361 -3.88 -42.08 -46.92
CA THR B 361 -2.80 -43.01 -46.58
C THR B 361 -1.97 -42.31 -45.49
N ASN B 362 -1.55 -43.07 -44.46
CA ASN B 362 -0.79 -42.61 -43.28
C ASN B 362 -1.63 -41.68 -42.39
N SER B 363 -2.97 -41.86 -42.44
CA SER B 363 -3.95 -41.10 -41.66
C SER B 363 -4.14 -41.74 -40.29
N VAL B 364 -4.23 -40.91 -39.25
CA VAL B 364 -4.41 -41.34 -37.85
C VAL B 364 -5.87 -41.18 -37.42
N THR B 365 -6.45 -42.23 -36.79
CA THR B 365 -7.84 -42.23 -36.34
C THR B 365 -7.94 -42.58 -34.85
N ASN B 366 -8.73 -41.80 -34.10
CA ASN B 366 -9.00 -42.01 -32.68
C ASN B 366 -10.29 -42.81 -32.53
N ILE B 367 -10.29 -43.86 -31.71
CA ILE B 367 -11.46 -44.71 -31.52
C ILE B 367 -11.70 -44.97 -30.02
N GLU B 368 -12.92 -44.71 -29.55
CA GLU B 368 -13.31 -44.99 -28.18
C GLU B 368 -14.09 -46.30 -28.14
N LEU B 369 -13.63 -47.26 -27.33
CA LEU B 369 -14.23 -48.60 -27.20
C LEU B 369 -14.67 -48.86 -25.76
N GLU B 370 -15.62 -49.80 -25.58
CA GLU B 370 -16.10 -50.22 -24.26
C GLU B 370 -15.94 -51.75 -24.14
N PRO B 371 -14.71 -52.27 -23.93
CA PRO B 371 -14.53 -53.73 -23.79
C PRO B 371 -15.18 -54.28 -22.52
N PRO B 372 -15.64 -55.56 -22.49
CA PRO B 372 -16.29 -56.08 -21.27
C PRO B 372 -15.31 -56.34 -20.13
N PHE B 373 -15.84 -56.69 -18.94
CA PHE B 373 -15.02 -57.00 -17.77
C PHE B 373 -14.27 -58.30 -17.99
N GLY B 374 -12.96 -58.27 -17.74
CA GLY B 374 -12.08 -59.41 -17.92
C GLY B 374 -11.31 -59.40 -19.23
N ASP B 375 -11.05 -60.58 -19.78
CA ASP B 375 -10.32 -60.76 -21.03
C ASP B 375 -11.18 -60.54 -22.27
N SER B 376 -10.59 -59.85 -23.27
CA SER B 376 -11.17 -59.54 -24.57
C SER B 376 -10.05 -59.24 -25.57
N TYR B 377 -10.36 -59.32 -26.87
CA TYR B 377 -9.42 -59.06 -27.95
C TYR B 377 -9.97 -58.03 -28.92
N ILE B 378 -9.23 -56.93 -29.10
CA ILE B 378 -9.60 -55.84 -29.99
C ILE B 378 -8.92 -56.10 -31.34
N VAL B 379 -9.72 -56.40 -32.38
CA VAL B 379 -9.24 -56.71 -33.72
C VAL B 379 -9.43 -55.51 -34.65
N ILE B 380 -8.30 -54.97 -35.18
CA ILE B 380 -8.29 -53.82 -36.10
C ILE B 380 -7.70 -54.28 -37.45
N GLY B 381 -8.56 -54.34 -38.46
CA GLY B 381 -8.18 -54.76 -39.81
C GLY B 381 -8.91 -56.01 -40.28
N VAL B 382 -8.50 -56.54 -41.45
CA VAL B 382 -9.10 -57.74 -42.05
C VAL B 382 -8.05 -58.77 -42.48
N GLY B 383 -8.33 -60.05 -42.20
CA GLY B 383 -7.45 -61.17 -42.54
C GLY B 383 -6.23 -61.30 -41.65
N ASN B 384 -5.10 -61.78 -42.24
CA ASN B 384 -3.82 -61.96 -41.55
C ASN B 384 -3.19 -60.64 -41.12
N SER B 385 -3.33 -59.58 -41.96
CA SER B 385 -2.82 -58.23 -41.72
C SER B 385 -3.51 -57.52 -40.54
N ALA B 386 -4.62 -58.11 -40.02
CA ALA B 386 -5.40 -57.58 -38.90
C ALA B 386 -4.60 -57.62 -37.61
N LEU B 387 -4.62 -56.49 -36.88
CA LEU B 387 -3.94 -56.30 -35.61
C LEU B 387 -4.83 -56.78 -34.47
N THR B 388 -4.32 -57.72 -33.65
CA THR B 388 -5.05 -58.28 -32.50
C THR B 388 -4.40 -57.79 -31.21
N LEU B 389 -5.19 -57.08 -30.38
CA LEU B 389 -4.72 -56.51 -29.13
C LEU B 389 -5.49 -57.07 -27.94
N HIS B 390 -4.76 -57.72 -27.01
CA HIS B 390 -5.32 -58.29 -25.79
C HIS B 390 -5.65 -57.17 -24.81
N TRP B 391 -6.80 -57.27 -24.13
CA TRP B 391 -7.18 -56.27 -23.14
C TRP B 391 -7.86 -56.88 -21.92
N PHE B 392 -7.38 -56.56 -20.73
CA PHE B 392 -8.01 -57.04 -19.53
C PHE B 392 -8.58 -55.90 -18.70
N ARG B 393 -9.90 -55.87 -18.59
CA ARG B 393 -10.57 -54.82 -17.86
C ARG B 393 -10.76 -55.24 -16.42
N LYS B 394 -9.93 -54.72 -15.53
CA LYS B 394 -10.09 -54.97 -14.12
C LYS B 394 -11.46 -54.48 -13.73
N GLY B 395 -12.20 -55.30 -13.00
CA GLY B 395 -13.52 -54.87 -12.59
C GLY B 395 -14.50 -55.99 -12.34
N GLU C 3 -6.39 -14.82 -42.23
CA GLU C 3 -5.98 -16.00 -41.47
C GLU C 3 -5.06 -15.62 -40.32
N VAL C 4 -4.53 -16.64 -39.65
CA VAL C 4 -3.63 -16.41 -38.50
C VAL C 4 -2.28 -15.85 -38.96
N GLN C 5 -1.81 -14.78 -38.31
CA GLN C 5 -0.54 -14.11 -38.59
C GLN C 5 -0.02 -13.37 -37.36
N LEU C 6 1.30 -13.42 -37.14
CA LEU C 6 1.98 -12.76 -36.03
C LEU C 6 3.01 -11.77 -36.57
N VAL C 7 2.73 -10.46 -36.44
CA VAL C 7 3.61 -9.40 -36.94
C VAL C 7 4.53 -8.91 -35.83
N GLU C 8 5.84 -9.16 -35.99
CA GLU C 8 6.89 -8.77 -35.05
C GLU C 8 7.39 -7.35 -35.30
N SER C 9 7.99 -6.73 -34.26
CA SER C 9 8.57 -5.38 -34.34
C SER C 9 9.89 -5.39 -35.12
N GLY C 10 10.30 -4.24 -35.62
CA GLY C 10 11.53 -4.08 -36.39
C GLY C 10 12.79 -4.26 -35.59
N ALA C 11 13.90 -4.59 -36.30
CA ALA C 11 15.25 -4.81 -35.74
C ALA C 11 15.75 -3.60 -34.96
N GLU C 12 16.45 -3.85 -33.84
CA GLU C 12 16.99 -2.78 -32.99
C GLU C 12 18.45 -2.94 -32.63
N VAL C 13 19.20 -1.84 -32.68
CA VAL C 13 20.62 -1.78 -32.32
C VAL C 13 20.71 -1.02 -30.99
N LYS C 14 21.23 -1.70 -29.95
CA LYS C 14 21.36 -1.14 -28.59
C LYS C 14 22.78 -1.25 -28.03
N LYS C 15 23.12 -0.36 -27.08
CA LYS C 15 24.42 -0.32 -26.41
C LYS C 15 24.38 -1.21 -25.15
N PRO C 16 25.52 -1.82 -24.71
CA PRO C 16 25.46 -2.69 -23.51
C PRO C 16 25.19 -1.93 -22.22
N GLY C 17 24.31 -2.49 -21.39
CA GLY C 17 23.90 -1.92 -20.11
C GLY C 17 22.55 -1.24 -20.16
N ALA C 18 21.91 -1.24 -21.35
CA ALA C 18 20.60 -0.63 -21.60
C ALA C 18 19.49 -1.70 -21.65
N SER C 19 18.25 -1.29 -21.99
CA SER C 19 17.09 -2.18 -22.09
C SER C 19 16.49 -2.15 -23.51
N VAL C 20 15.80 -3.23 -23.90
CA VAL C 20 15.16 -3.34 -25.23
C VAL C 20 13.75 -3.94 -25.08
N LYS C 21 12.77 -3.34 -25.78
CA LYS C 21 11.38 -3.78 -25.77
C LYS C 21 10.94 -4.18 -27.18
N VAL C 22 10.63 -5.48 -27.36
CA VAL C 22 10.18 -6.06 -28.63
C VAL C 22 8.68 -6.41 -28.54
N SER C 23 8.02 -6.52 -29.71
CA SER C 23 6.58 -6.81 -29.74
C SER C 23 6.15 -7.82 -30.81
N CYS C 24 4.90 -8.31 -30.68
CA CYS C 24 4.24 -9.23 -31.60
C CYS C 24 2.75 -8.93 -31.61
N LYS C 25 2.21 -8.56 -32.77
CA LYS C 25 0.78 -8.27 -32.91
C LYS C 25 0.05 -9.48 -33.47
N ALA C 26 -1.03 -9.89 -32.79
CA ALA C 26 -1.86 -11.02 -33.17
C ALA C 26 -2.94 -10.58 -34.15
N SER C 27 -3.14 -11.38 -35.21
CA SER C 27 -4.10 -11.13 -36.28
C SER C 27 -4.68 -12.48 -36.72
N GLY C 28 -6.00 -12.50 -36.92
CA GLY C 28 -6.72 -13.68 -37.37
C GLY C 28 -7.12 -14.69 -36.32
N TYR C 29 -7.09 -14.28 -35.03
CA TYR C 29 -7.50 -15.11 -33.89
C TYR C 29 -7.79 -14.28 -32.63
N THR C 30 -8.51 -14.86 -31.65
CA THR C 30 -8.84 -14.19 -30.38
C THR C 30 -7.62 -14.25 -29.46
N PHE C 31 -6.96 -13.09 -29.26
CA PHE C 31 -5.75 -12.90 -28.47
C PHE C 31 -5.87 -13.38 -27.02
N THR C 32 -7.02 -13.10 -26.38
CA THR C 32 -7.38 -13.45 -25.01
C THR C 32 -7.33 -14.98 -24.74
N SER C 33 -7.72 -15.79 -25.75
CA SER C 33 -7.78 -17.25 -25.69
C SER C 33 -6.43 -17.97 -25.85
N TYR C 34 -5.36 -17.22 -26.16
CA TYR C 34 -4.04 -17.80 -26.39
C TYR C 34 -2.96 -17.20 -25.49
N ALA C 35 -1.86 -17.94 -25.32
CA ALA C 35 -0.68 -17.57 -24.55
C ALA C 35 0.45 -17.23 -25.51
N MET C 36 1.19 -16.16 -25.24
CA MET C 36 2.30 -15.74 -26.11
C MET C 36 3.64 -16.11 -25.51
N HIS C 37 4.37 -16.98 -26.21
CA HIS C 37 5.69 -17.43 -25.80
C HIS C 37 6.78 -16.65 -26.48
N TRP C 38 7.94 -16.56 -25.83
CA TRP C 38 9.10 -15.89 -26.38
C TRP C 38 10.28 -16.85 -26.37
N VAL C 39 10.87 -17.05 -27.56
CA VAL C 39 12.01 -17.95 -27.80
C VAL C 39 13.08 -17.14 -28.52
N ARG C 40 14.35 -17.20 -28.06
CA ARG C 40 15.45 -16.48 -28.71
C ARG C 40 16.44 -17.41 -29.40
N GLN C 41 17.20 -16.89 -30.38
CA GLN C 41 18.18 -17.65 -31.13
C GLN C 41 19.35 -16.77 -31.56
N ALA C 42 20.52 -17.01 -30.95
CA ALA C 42 21.77 -16.30 -31.27
C ALA C 42 22.29 -16.75 -32.65
N PRO C 43 23.00 -15.89 -33.43
CA PRO C 43 23.46 -16.31 -34.77
C PRO C 43 24.30 -17.58 -34.78
N GLY C 44 23.79 -18.60 -35.47
CA GLY C 44 24.41 -19.91 -35.61
C GLY C 44 24.19 -20.85 -34.43
N GLN C 45 23.46 -20.38 -33.41
CA GLN C 45 23.19 -21.14 -32.19
C GLN C 45 21.78 -21.76 -32.20
N ARG C 46 21.46 -22.54 -31.15
CA ARG C 46 20.17 -23.22 -30.97
C ARG C 46 19.08 -22.24 -30.50
N LEU C 47 17.82 -22.72 -30.50
CA LEU C 47 16.67 -21.98 -30.00
C LEU C 47 16.67 -22.13 -28.48
N GLU C 48 16.31 -21.06 -27.75
CA GLU C 48 16.26 -21.06 -26.29
C GLU C 48 14.97 -20.41 -25.81
N TRP C 49 14.14 -21.17 -25.08
CA TRP C 49 12.85 -20.69 -24.54
C TRP C 49 13.06 -19.69 -23.38
N MET C 50 12.37 -18.54 -23.45
CA MET C 50 12.49 -17.47 -22.45
C MET C 50 11.36 -17.44 -21.43
N GLY C 51 10.12 -17.55 -21.90
CA GLY C 51 8.94 -17.54 -21.06
C GLY C 51 7.65 -17.35 -21.82
N TRP C 52 6.52 -17.23 -21.10
CA TRP C 52 5.20 -16.99 -21.68
C TRP C 52 4.35 -15.98 -20.90
N ILE C 53 3.26 -15.53 -21.53
CA ILE C 53 2.24 -14.65 -20.96
C ILE C 53 0.86 -15.17 -21.37
N ASN C 54 -0.03 -15.33 -20.38
CA ASN C 54 -1.41 -15.71 -20.61
C ASN C 54 -2.10 -14.36 -20.88
N ALA C 55 -2.49 -14.12 -22.14
CA ALA C 55 -3.12 -12.86 -22.58
C ALA C 55 -4.49 -12.57 -21.93
N GLY C 56 -5.15 -13.63 -21.46
CA GLY C 56 -6.46 -13.54 -20.81
C GLY C 56 -6.44 -12.94 -19.42
N ASN C 57 -5.53 -13.39 -18.56
CA ASN C 57 -5.45 -12.92 -17.17
C ASN C 57 -4.16 -12.13 -16.82
N GLY C 58 -3.16 -12.19 -17.69
CA GLY C 58 -1.89 -11.47 -17.51
C GLY C 58 -0.83 -12.21 -16.71
N ASN C 59 -1.06 -13.51 -16.39
CA ASN C 59 -0.10 -14.33 -15.65
C ASN C 59 1.11 -14.69 -16.52
N THR C 60 2.28 -14.88 -15.88
CA THR C 60 3.54 -15.20 -16.56
C THR C 60 4.32 -16.37 -15.93
N LYS C 61 5.35 -16.83 -16.66
CA LYS C 61 6.31 -17.85 -16.26
C LYS C 61 7.56 -17.61 -17.10
N TYR C 62 8.71 -17.49 -16.44
CA TYR C 62 9.98 -17.24 -17.10
C TYR C 62 10.96 -18.37 -16.82
N SER C 63 11.98 -18.50 -17.68
CA SER C 63 13.06 -19.47 -17.51
C SER C 63 13.99 -18.91 -16.42
N GLN C 64 14.64 -19.79 -15.63
CA GLN C 64 15.55 -19.40 -14.55
C GLN C 64 16.71 -18.50 -15.00
N LYS C 65 17.12 -18.62 -16.28
CA LYS C 65 18.17 -17.84 -16.91
C LYS C 65 17.69 -16.40 -17.22
N PHE C 66 16.37 -16.20 -17.36
CA PHE C 66 15.79 -14.91 -17.75
C PHE C 66 14.84 -14.24 -16.73
N GLN C 67 14.51 -14.91 -15.60
CA GLN C 67 13.58 -14.40 -14.58
C GLN C 67 13.94 -13.01 -14.00
N ASP C 68 15.24 -12.71 -13.88
CA ASP C 68 15.74 -11.45 -13.33
C ASP C 68 15.80 -10.28 -14.32
N ARG C 69 15.97 -10.57 -15.62
CA ARG C 69 16.11 -9.55 -16.66
C ARG C 69 14.88 -9.37 -17.56
N VAL C 70 14.20 -10.47 -17.90
CA VAL C 70 13.03 -10.47 -18.79
C VAL C 70 11.74 -10.12 -18.05
N THR C 71 10.92 -9.28 -18.70
CA THR C 71 9.60 -8.85 -18.24
C THR C 71 8.67 -8.92 -19.45
N ILE C 72 7.68 -9.82 -19.42
CA ILE C 72 6.72 -10.00 -20.51
C ILE C 72 5.38 -9.36 -20.12
N THR C 73 4.87 -8.46 -20.99
CA THR C 73 3.60 -7.74 -20.82
C THR C 73 2.68 -7.92 -22.04
N ARG C 74 1.40 -7.50 -21.92
CA ARG C 74 0.43 -7.61 -23.01
C ARG C 74 -0.57 -6.46 -23.03
N ASP C 75 -1.02 -6.09 -24.25
CA ASP C 75 -2.02 -5.04 -24.48
C ASP C 75 -3.20 -5.70 -25.21
N THR C 76 -4.27 -6.01 -24.46
CA THR C 76 -5.49 -6.67 -24.95
C THR C 76 -6.20 -5.86 -26.02
N SER C 77 -6.26 -4.52 -25.85
CA SER C 77 -6.91 -3.56 -26.76
C SER C 77 -6.25 -3.52 -28.14
N ALA C 78 -4.91 -3.65 -28.19
CA ALA C 78 -4.12 -3.61 -29.43
C ALA C 78 -3.76 -5.00 -29.96
N SER C 79 -4.07 -6.08 -29.19
CA SER C 79 -3.77 -7.49 -29.48
C SER C 79 -2.26 -7.71 -29.67
N THR C 80 -1.45 -6.93 -28.93
CA THR C 80 0.01 -6.94 -29.00
C THR C 80 0.62 -7.42 -27.68
N ALA C 81 1.64 -8.28 -27.77
CA ALA C 81 2.39 -8.81 -26.63
C ALA C 81 3.79 -8.25 -26.67
N TYR C 82 4.24 -7.69 -25.54
CA TYR C 82 5.56 -7.06 -25.39
C TYR C 82 6.52 -7.91 -24.58
N MET C 83 7.83 -7.78 -24.88
CA MET C 83 8.89 -8.49 -24.18
C MET C 83 10.05 -7.52 -23.94
N GLU C 84 10.31 -7.21 -22.65
CA GLU C 84 11.37 -6.29 -22.24
C GLU C 84 12.56 -7.03 -21.62
N LEU C 85 13.77 -6.78 -22.14
CA LEU C 85 15.01 -7.38 -21.65
C LEU C 85 15.97 -6.28 -21.18
N SER C 86 16.06 -6.10 -19.85
CA SER C 86 16.88 -5.08 -19.19
C SER C 86 18.33 -5.54 -18.95
N SER C 87 19.25 -4.56 -18.83
CA SER C 87 20.70 -4.73 -18.62
C SER C 87 21.34 -5.66 -19.65
N LEU C 88 21.23 -5.25 -20.93
CA LEU C 88 21.74 -5.93 -22.11
C LEU C 88 23.24 -6.11 -22.12
N ARG C 89 23.68 -7.28 -22.59
CA ARG C 89 25.08 -7.68 -22.71
C ARG C 89 25.33 -8.19 -24.13
N SER C 90 26.62 -8.29 -24.55
CA SER C 90 27.04 -8.74 -25.87
C SER C 90 26.51 -10.13 -26.24
N GLU C 91 26.20 -10.95 -25.22
CA GLU C 91 25.63 -12.30 -25.36
C GLU C 91 24.15 -12.28 -25.77
N ASP C 92 23.44 -11.16 -25.50
CA ASP C 92 22.02 -11.00 -25.84
C ASP C 92 21.75 -10.74 -27.33
N THR C 93 22.83 -10.61 -28.16
CA THR C 93 22.74 -10.42 -29.61
C THR C 93 22.08 -11.67 -30.21
N ALA C 94 20.75 -11.61 -30.42
CA ALA C 94 19.96 -12.73 -30.92
C ALA C 94 18.69 -12.28 -31.67
N ILE C 95 18.01 -13.26 -32.32
CA ILE C 95 16.74 -13.08 -33.01
C ILE C 95 15.65 -13.52 -32.02
N TYR C 96 14.69 -12.64 -31.75
CA TYR C 96 13.63 -12.88 -30.77
C TYR C 96 12.30 -13.24 -31.42
N TYR C 97 11.95 -14.52 -31.35
CA TYR C 97 10.74 -15.11 -31.92
C TYR C 97 9.63 -15.22 -30.90
N CYS C 98 8.39 -15.01 -31.35
CA CYS C 98 7.20 -15.18 -30.54
C CYS C 98 6.40 -16.33 -31.13
N ALA C 99 5.85 -17.20 -30.26
CA ALA C 99 5.07 -18.35 -30.68
C ALA C 99 3.80 -18.44 -29.87
N ARG C 100 2.68 -18.81 -30.52
CA ARG C 100 1.39 -18.93 -29.84
C ARG C 100 1.07 -20.35 -29.37
N ASP C 101 0.24 -20.45 -28.32
CA ASP C 101 -0.30 -21.69 -27.77
C ASP C 101 -1.61 -21.40 -27.04
N LYS C 102 -2.68 -22.13 -27.39
CA LYS C 102 -4.01 -21.94 -26.80
C LYS C 102 -4.04 -22.22 -25.31
N VAL C 103 -4.80 -21.37 -24.58
CA VAL C 103 -5.02 -21.48 -23.15
C VAL C 103 -6.27 -22.33 -22.93
N ASP C 104 -6.39 -22.96 -21.74
CA ASP C 104 -7.55 -23.79 -21.37
C ASP C 104 -8.80 -22.90 -21.32
N ASP C 105 -9.95 -23.46 -21.72
CA ASP C 105 -11.26 -22.79 -21.80
C ASP C 105 -11.66 -22.01 -20.53
N TYR C 106 -11.17 -22.44 -19.36
CA TYR C 106 -11.45 -21.84 -18.06
C TYR C 106 -10.56 -20.62 -17.74
N GLY C 107 -9.48 -20.44 -18.49
CA GLY C 107 -8.58 -19.30 -18.36
C GLY C 107 -7.19 -19.59 -17.83
N ASP C 108 -7.05 -20.65 -17.00
CA ASP C 108 -5.78 -21.04 -16.40
C ASP C 108 -4.91 -21.84 -17.37
N TYR C 109 -3.62 -21.48 -17.45
CA TYR C 109 -2.67 -22.13 -18.36
C TYR C 109 -1.78 -23.13 -17.60
N TRP C 110 -2.42 -24.13 -16.95
CA TRP C 110 -1.71 -25.15 -16.19
C TRP C 110 -0.90 -26.06 -17.11
N PHE C 111 -1.56 -26.59 -18.15
CA PHE C 111 -0.95 -27.47 -19.13
C PHE C 111 -1.10 -26.88 -20.51
N PRO C 112 -0.04 -26.91 -21.34
CA PRO C 112 -0.14 -26.37 -22.70
C PRO C 112 -0.91 -27.32 -23.62
N THR C 113 -1.19 -26.86 -24.83
CA THR C 113 -1.86 -27.67 -25.83
C THR C 113 -0.79 -28.59 -26.46
N LEU C 114 -1.21 -29.76 -26.99
CA LEU C 114 -0.30 -30.72 -27.62
C LEU C 114 0.48 -30.12 -28.79
N TRP C 115 -0.19 -29.25 -29.57
CA TRP C 115 0.31 -28.56 -30.76
C TRP C 115 0.80 -27.14 -30.47
N TYR C 116 1.55 -26.95 -29.36
CA TYR C 116 2.15 -25.67 -28.97
C TYR C 116 3.12 -25.17 -30.04
N PHE C 117 3.20 -23.83 -30.20
CA PHE C 117 4.05 -23.14 -31.18
C PHE C 117 3.69 -23.52 -32.63
N ASP C 118 2.38 -23.56 -32.94
CA ASP C 118 1.87 -23.88 -34.28
C ASP C 118 2.05 -22.71 -35.25
N TYR C 119 2.07 -21.48 -34.70
CA TYR C 119 2.28 -20.23 -35.44
C TYR C 119 3.37 -19.40 -34.76
N TRP C 120 4.33 -18.93 -35.56
CA TRP C 120 5.48 -18.16 -35.10
C TRP C 120 5.53 -16.78 -35.75
N GLY C 121 6.24 -15.87 -35.09
CA GLY C 121 6.55 -14.53 -35.61
C GLY C 121 7.85 -14.66 -36.38
N GLN C 122 8.12 -13.73 -37.30
CA GLN C 122 9.33 -13.78 -38.13
C GLN C 122 10.63 -13.47 -37.38
N GLY C 123 10.51 -13.03 -36.12
CA GLY C 123 11.65 -12.74 -35.27
C GLY C 123 12.28 -11.38 -35.46
N THR C 124 12.63 -10.74 -34.33
CA THR C 124 13.28 -9.42 -34.30
C THR C 124 14.76 -9.59 -33.97
N LEU C 125 15.64 -9.08 -34.86
CA LEU C 125 17.07 -9.13 -34.61
C LEU C 125 17.47 -7.96 -33.69
N VAL C 126 17.88 -8.29 -32.46
CA VAL C 126 18.33 -7.27 -31.50
C VAL C 126 19.86 -7.39 -31.43
N THR C 127 20.57 -6.36 -31.92
CA THR C 127 22.02 -6.32 -31.96
C THR C 127 22.58 -5.49 -30.80
N VAL C 128 23.51 -6.08 -30.02
CA VAL C 128 24.17 -5.42 -28.89
C VAL C 128 25.64 -5.23 -29.24
N SER C 129 26.10 -3.97 -29.29
CA SER C 129 27.47 -3.59 -29.63
C SER C 129 28.36 -3.46 -28.39
N GLU D 3 26.31 32.93 27.36
CA GLU D 3 25.31 33.79 26.72
C GLU D 3 24.81 33.22 25.38
N VAL D 4 23.53 33.49 25.05
CA VAL D 4 22.85 33.04 23.83
C VAL D 4 23.43 33.74 22.58
N GLN D 5 23.75 32.93 21.55
CA GLN D 5 24.28 33.42 20.27
C GLN D 5 23.96 32.45 19.12
N LEU D 6 23.65 33.02 17.94
CA LEU D 6 23.34 32.27 16.71
C LEU D 6 24.33 32.64 15.62
N VAL D 7 25.23 31.72 15.27
CA VAL D 7 26.26 31.94 14.24
C VAL D 7 25.78 31.41 12.89
N GLU D 8 25.56 32.32 11.94
CA GLU D 8 25.12 32.04 10.58
C GLU D 8 26.28 31.71 9.63
N SER D 9 25.99 30.99 8.53
CA SER D 9 26.98 30.62 7.51
C SER D 9 27.35 31.83 6.65
N GLY D 10 28.50 31.75 5.99
CA GLY D 10 29.00 32.82 5.13
C GLY D 10 28.20 33.03 3.86
N ALA D 11 28.30 34.26 3.28
CA ALA D 11 27.64 34.69 2.05
C ALA D 11 27.95 33.79 0.87
N GLU D 12 26.96 33.52 0.01
CA GLU D 12 27.13 32.65 -1.16
C GLU D 12 26.61 33.25 -2.47
N VAL D 13 27.38 33.07 -3.55
CA VAL D 13 27.04 33.54 -4.90
C VAL D 13 26.69 32.29 -5.72
N LYS D 14 25.44 32.22 -6.22
CA LYS D 14 24.95 31.08 -7.00
C LYS D 14 24.32 31.50 -8.34
N LYS D 15 24.32 30.57 -9.32
CA LYS D 15 23.75 30.77 -10.65
C LYS D 15 22.26 30.39 -10.65
N PRO D 16 21.39 31.01 -11.50
CA PRO D 16 19.96 30.64 -11.49
C PRO D 16 19.68 29.23 -12.00
N GLY D 17 18.81 28.53 -11.28
CA GLY D 17 18.41 27.15 -11.58
C GLY D 17 19.10 26.12 -10.70
N ALA D 18 19.97 26.58 -9.78
CA ALA D 18 20.71 25.75 -8.84
C ALA D 18 20.08 25.76 -7.44
N SER D 19 20.75 25.14 -6.45
CA SER D 19 20.29 25.09 -5.05
C SER D 19 21.32 25.71 -4.10
N VAL D 20 20.86 26.20 -2.94
CA VAL D 20 21.72 26.81 -1.92
C VAL D 20 21.34 26.30 -0.51
N LYS D 21 22.36 25.95 0.29
CA LYS D 21 22.18 25.45 1.65
C LYS D 21 22.86 26.40 2.66
N VAL D 22 22.05 27.03 3.52
CA VAL D 22 22.51 27.96 4.57
C VAL D 22 22.36 27.32 5.94
N SER D 23 23.13 27.81 6.94
CA SER D 23 23.09 27.25 8.29
C SER D 23 23.10 28.28 9.42
N CYS D 24 22.78 27.80 10.64
CA CYS D 24 22.78 28.56 11.88
C CYS D 24 23.15 27.65 13.04
N LYS D 25 24.26 27.96 13.73
CA LYS D 25 24.73 27.17 14.86
C LYS D 25 24.28 27.81 16.17
N ALA D 26 23.64 27.01 17.04
CA ALA D 26 23.15 27.44 18.34
C ALA D 26 24.23 27.30 19.41
N SER D 27 24.32 28.31 20.28
CA SER D 27 25.29 28.37 21.39
C SER D 27 24.71 29.10 22.60
N GLY D 28 24.95 28.53 23.79
CA GLY D 28 24.51 29.09 25.06
C GLY D 28 23.15 28.65 25.57
N TYR D 29 22.51 27.69 24.87
CA TYR D 29 21.19 27.15 25.22
C TYR D 29 20.96 25.75 24.63
N THR D 30 20.01 24.98 25.20
CA THR D 30 19.66 23.62 24.75
C THR D 30 18.98 23.73 23.37
N PHE D 31 19.70 23.35 22.31
CA PHE D 31 19.24 23.41 20.91
C PHE D 31 17.93 22.63 20.67
N THR D 32 17.80 21.44 21.29
CA THR D 32 16.64 20.56 21.16
C THR D 32 15.35 21.12 21.82
N SER D 33 15.51 22.04 22.80
CA SER D 33 14.40 22.67 23.53
C SER D 33 13.78 23.86 22.76
N TYR D 34 14.34 24.20 21.59
CA TYR D 34 13.90 25.33 20.78
C TYR D 34 13.63 24.96 19.32
N ALA D 35 12.83 25.80 18.66
CA ALA D 35 12.46 25.69 17.25
C ALA D 35 13.24 26.75 16.46
N MET D 36 13.77 26.37 15.29
CA MET D 36 14.53 27.30 14.46
C MET D 36 13.71 27.79 13.28
N HIS D 37 13.44 29.10 13.25
CA HIS D 37 12.69 29.74 12.18
C HIS D 37 13.62 30.34 11.15
N TRP D 38 13.12 30.45 9.92
CA TRP D 38 13.86 31.06 8.82
C TRP D 38 13.02 32.18 8.20
N VAL D 39 13.59 33.39 8.18
CA VAL D 39 12.96 34.61 7.65
C VAL D 39 13.94 35.23 6.64
N ARG D 40 13.45 35.59 5.44
CA ARG D 40 14.29 36.22 4.41
C ARG D 40 13.94 37.69 4.19
N GLN D 41 14.90 38.47 3.65
CA GLN D 41 14.72 39.89 3.38
C GLN D 41 15.54 40.33 2.16
N ALA D 42 14.84 40.65 1.06
CA ALA D 42 15.45 41.13 -0.18
C ALA D 42 15.96 42.58 0.01
N PRO D 43 17.04 43.01 -0.68
CA PRO D 43 17.55 44.39 -0.46
C PRO D 43 16.52 45.50 -0.69
N GLY D 44 16.25 46.24 0.37
CA GLY D 44 15.29 47.33 0.40
C GLY D 44 13.85 46.91 0.60
N GLN D 45 13.61 45.60 0.71
CA GLN D 45 12.28 45.02 0.88
C GLN D 45 12.00 44.63 2.34
N ARG D 46 10.76 44.16 2.60
CA ARG D 46 10.29 43.72 3.92
C ARG D 46 10.80 42.34 4.30
N LEU D 47 10.59 41.95 5.57
CA LEU D 47 10.93 40.63 6.08
C LEU D 47 9.81 39.67 5.65
N GLU D 48 10.17 38.44 5.28
CA GLU D 48 9.20 37.43 4.84
C GLU D 48 9.51 36.09 5.50
N TRP D 49 8.57 35.59 6.31
CA TRP D 49 8.71 34.31 7.02
C TRP D 49 8.66 33.13 6.03
N MET D 50 9.60 32.17 6.18
CA MET D 50 9.71 31.00 5.30
C MET D 50 9.18 29.71 5.93
N GLY D 51 9.55 29.49 7.19
CA GLY D 51 9.15 28.30 7.93
C GLY D 51 9.96 28.02 9.19
N TRP D 52 9.66 26.89 9.86
CA TRP D 52 10.36 26.47 11.07
C TRP D 52 10.68 24.97 11.12
N ILE D 53 11.57 24.60 12.06
CA ILE D 53 11.95 23.22 12.39
C ILE D 53 11.98 23.07 13.90
N ASN D 54 11.32 22.02 14.41
CA ASN D 54 11.33 21.66 15.81
C ASN D 54 12.59 20.79 15.93
N ALA D 55 13.65 21.29 16.57
CA ALA D 55 14.94 20.60 16.72
C ALA D 55 14.87 19.32 17.56
N GLY D 56 13.85 19.22 18.41
CA GLY D 56 13.63 18.07 19.27
C GLY D 56 13.16 16.81 18.56
N ASN D 57 12.14 16.94 17.69
CA ASN D 57 11.56 15.80 16.97
C ASN D 57 11.78 15.79 15.44
N GLY D 58 12.20 16.93 14.89
CA GLY D 58 12.47 17.08 13.46
C GLY D 58 11.28 17.49 12.61
N ASN D 59 10.13 17.83 13.24
CA ASN D 59 8.92 18.25 12.52
C ASN D 59 9.10 19.65 11.92
N THR D 60 8.42 19.92 10.79
CA THR D 60 8.49 21.20 10.07
C THR D 60 7.13 21.79 9.69
N LYS D 61 7.15 23.05 9.24
CA LYS D 61 6.02 23.83 8.72
C LYS D 61 6.62 24.91 7.84
N TYR D 62 6.14 24.98 6.59
CA TYR D 62 6.62 25.96 5.61
C TYR D 62 5.49 26.88 5.17
N SER D 63 5.85 28.05 4.62
CA SER D 63 4.89 29.00 4.05
C SER D 63 4.48 28.44 2.69
N GLN D 64 3.24 28.72 2.24
CA GLN D 64 2.71 28.24 0.95
C GLN D 64 3.56 28.67 -0.27
N LYS D 65 4.27 29.81 -0.15
CA LYS D 65 5.16 30.36 -1.17
C LYS D 65 6.48 29.58 -1.26
N PHE D 66 6.86 28.88 -0.16
CA PHE D 66 8.13 28.16 -0.08
C PHE D 66 8.06 26.63 0.12
N GLN D 67 6.84 26.05 0.32
CA GLN D 67 6.65 24.61 0.57
C GLN D 67 7.25 23.67 -0.50
N ASP D 68 7.25 24.10 -1.77
CA ASP D 68 7.77 23.32 -2.91
C ASP D 68 9.28 23.40 -3.11
N ARG D 69 9.91 24.52 -2.73
CA ARG D 69 11.35 24.75 -2.92
C ARG D 69 12.21 24.64 -1.66
N VAL D 70 11.69 25.11 -0.51
CA VAL D 70 12.40 25.12 0.77
C VAL D 70 12.32 23.76 1.48
N THR D 71 13.48 23.33 2.03
CA THR D 71 13.64 22.12 2.82
C THR D 71 14.50 22.49 4.04
N ILE D 72 13.90 22.44 5.25
CA ILE D 72 14.60 22.77 6.50
C ILE D 72 14.97 21.48 7.24
N THR D 73 16.26 21.33 7.59
CA THR D 73 16.82 20.17 8.30
C THR D 73 17.60 20.61 9.56
N ARG D 74 17.97 19.66 10.44
CA ARG D 74 18.73 19.94 11.66
C ARG D 74 19.70 18.83 12.04
N ASP D 75 20.83 19.22 12.66
CA ASP D 75 21.87 18.33 13.16
C ASP D 75 21.99 18.55 14.67
N THR D 76 21.38 17.65 15.46
CA THR D 76 21.37 17.70 16.93
C THR D 76 22.76 17.63 17.55
N SER D 77 23.63 16.78 16.99
CA SER D 77 25.01 16.57 17.43
C SER D 77 25.89 17.83 17.31
N ALA D 78 25.68 18.61 16.24
CA ALA D 78 26.43 19.84 15.97
C ALA D 78 25.71 21.12 16.41
N SER D 79 24.43 20.99 16.87
CA SER D 79 23.54 22.09 17.29
C SER D 79 23.34 23.12 16.16
N THR D 80 23.34 22.63 14.90
CA THR D 80 23.21 23.43 13.69
C THR D 80 21.92 23.11 12.94
N ALA D 81 21.23 24.15 12.46
CA ALA D 81 20.00 24.05 11.69
C ALA D 81 20.30 24.49 10.25
N TYR D 82 19.90 23.67 9.28
CA TYR D 82 20.13 23.92 7.85
C TYR D 82 18.86 24.31 7.11
N MET D 83 19.01 25.12 6.05
CA MET D 83 17.92 25.58 5.21
C MET D 83 18.34 25.49 3.74
N GLU D 84 17.68 24.61 2.97
CA GLU D 84 17.98 24.39 1.55
C GLU D 84 16.88 24.97 0.66
N LEU D 85 17.28 25.81 -0.32
CA LEU D 85 16.37 26.44 -1.28
C LEU D 85 16.78 26.04 -2.71
N SER D 86 16.02 25.09 -3.28
CA SER D 86 16.24 24.54 -4.62
C SER D 86 15.58 25.35 -5.73
N SER D 87 16.13 25.25 -6.96
CA SER D 87 15.70 25.94 -8.19
C SER D 87 15.61 27.46 -7.99
N LEU D 88 16.69 28.07 -7.48
CA LEU D 88 16.75 29.52 -7.18
C LEU D 88 16.75 30.40 -8.43
N ARG D 89 16.04 31.53 -8.36
CA ARG D 89 15.92 32.53 -9.42
C ARG D 89 16.47 33.88 -8.96
N SER D 90 16.41 34.91 -9.83
CA SER D 90 16.88 36.28 -9.56
C SER D 90 16.13 36.95 -8.39
N GLU D 91 14.89 36.49 -8.11
CA GLU D 91 14.02 36.98 -7.03
C GLU D 91 14.51 36.52 -5.64
N ASP D 92 15.24 35.39 -5.58
CA ASP D 92 15.76 34.81 -4.33
C ASP D 92 17.01 35.52 -3.78
N THR D 93 17.46 36.62 -4.44
CA THR D 93 18.59 37.44 -4.00
C THR D 93 18.14 38.15 -2.72
N ALA D 94 18.47 37.57 -1.55
CA ALA D 94 18.06 38.08 -0.24
C ALA D 94 19.01 37.70 0.90
N ILE D 95 18.79 38.30 2.09
CA ILE D 95 19.52 38.02 3.33
C ILE D 95 18.65 37.01 4.11
N TYR D 96 19.23 35.86 4.47
CA TYR D 96 18.51 34.79 5.15
C TYR D 96 18.82 34.73 6.64
N TYR D 97 17.85 35.18 7.45
CA TYR D 97 17.93 35.25 8.90
C TYR D 97 17.29 34.04 9.56
N CYS D 98 17.87 33.60 10.68
CA CYS D 98 17.33 32.53 11.51
C CYS D 98 16.96 33.12 12.85
N ALA D 99 15.80 32.71 13.39
CA ALA D 99 15.32 33.20 14.68
C ALA D 99 14.84 32.05 15.53
N ARG D 100 15.11 32.11 16.85
CA ARG D 100 14.71 31.05 17.77
C ARG D 100 13.39 31.32 18.49
N ASP D 101 12.72 30.23 18.89
CA ASP D 101 11.50 30.23 19.68
C ASP D 101 11.38 28.92 20.44
N LYS D 102 11.18 28.99 21.77
CA LYS D 102 11.09 27.80 22.62
C LYS D 102 9.91 26.90 22.29
N VAL D 103 10.15 25.59 22.35
CA VAL D 103 9.16 24.55 22.12
C VAL D 103 8.55 24.19 23.48
N ASP D 104 7.32 23.64 23.48
CA ASP D 104 6.62 23.21 24.70
C ASP D 104 7.43 22.07 25.35
N ASP D 105 7.43 22.01 26.69
CA ASP D 105 8.17 21.04 27.51
C ASP D 105 8.04 19.56 27.06
N TYR D 106 6.89 19.18 26.47
CA TYR D 106 6.65 17.82 25.97
C TYR D 106 7.44 17.53 24.69
N GLY D 107 7.75 18.59 23.92
CA GLY D 107 8.51 18.50 22.68
C GLY D 107 7.73 18.83 21.43
N ASP D 108 6.44 19.20 21.59
CA ASP D 108 5.53 19.55 20.50
C ASP D 108 5.46 21.06 20.28
N TYR D 109 5.41 21.49 19.01
CA TYR D 109 5.38 22.91 18.64
C TYR D 109 4.03 23.30 18.03
N TRP D 110 2.97 23.30 18.84
CA TRP D 110 1.63 23.67 18.39
C TRP D 110 1.51 25.18 18.47
N PHE D 111 1.62 25.71 19.70
CA PHE D 111 1.57 27.14 19.95
C PHE D 111 2.95 27.65 20.33
N PRO D 112 3.38 28.80 19.76
CA PRO D 112 4.71 29.34 20.11
C PRO D 112 4.69 30.10 21.44
N THR D 113 5.87 30.56 21.90
CA THR D 113 5.93 31.37 23.13
C THR D 113 5.72 32.82 22.70
N LEU D 114 4.97 33.59 23.49
CA LEU D 114 4.64 34.97 23.14
C LEU D 114 5.84 35.84 22.74
N TRP D 115 7.01 35.52 23.29
CA TRP D 115 8.25 36.22 22.98
C TRP D 115 9.09 35.53 21.88
N TYR D 116 8.41 35.05 20.80
CA TYR D 116 9.04 34.41 19.64
C TYR D 116 10.03 35.37 18.96
N PHE D 117 11.11 34.83 18.39
CA PHE D 117 12.18 35.55 17.69
C PHE D 117 12.90 36.55 18.63
N ASP D 118 13.21 36.11 19.87
CA ASP D 118 13.91 36.93 20.86
C ASP D 118 15.40 37.04 20.54
N TYR D 119 15.96 36.04 19.82
CA TYR D 119 17.35 35.99 19.37
C TYR D 119 17.40 35.65 17.89
N TRP D 120 18.18 36.44 17.14
CA TRP D 120 18.33 36.30 15.70
C TRP D 120 19.78 36.03 15.28
N GLY D 121 19.94 35.48 14.09
CA GLY D 121 21.23 35.28 13.44
C GLY D 121 21.51 36.53 12.64
N GLN D 122 22.79 36.81 12.32
CA GLN D 122 23.18 38.01 11.59
C GLN D 122 22.78 38.02 10.10
N GLY D 123 22.28 36.88 9.61
CA GLY D 123 21.80 36.72 8.24
C GLY D 123 22.87 36.47 7.20
N THR D 124 22.57 35.56 6.27
CA THR D 124 23.45 35.17 5.16
C THR D 124 22.96 35.82 3.87
N LEU D 125 23.81 36.65 3.24
CA LEU D 125 23.48 37.32 1.98
C LEU D 125 23.71 36.36 0.82
N VAL D 126 22.62 35.98 0.11
CA VAL D 126 22.68 35.07 -1.02
C VAL D 126 22.38 35.84 -2.31
N THR D 127 23.41 36.06 -3.15
CA THR D 127 23.30 36.79 -4.42
C THR D 127 23.14 35.83 -5.61
N VAL D 128 22.27 36.21 -6.57
CA VAL D 128 21.98 35.41 -7.76
C VAL D 128 22.44 36.18 -9.02
N GLN E 7 23.99 -24.88 -22.19
CA GLN E 7 23.80 -26.27 -22.56
C GLN E 7 22.33 -26.66 -22.51
N SER E 8 21.88 -27.32 -23.57
CA SER E 8 20.49 -27.74 -23.69
C SER E 8 20.28 -29.08 -23.02
N ALA E 9 19.10 -29.25 -22.42
CA ALA E 9 18.77 -30.50 -21.77
C ALA E 9 18.51 -31.62 -22.79
N LEU E 10 18.34 -31.23 -24.05
CA LEU E 10 18.02 -32.18 -25.11
C LEU E 10 19.17 -32.37 -26.07
N THR E 11 19.60 -33.62 -26.21
CA THR E 11 20.78 -33.97 -27.03
C THR E 11 20.42 -34.46 -28.45
N GLN E 12 20.87 -33.69 -29.46
CA GLN E 12 20.68 -33.98 -30.88
C GLN E 12 22.05 -34.03 -31.58
N PRO E 13 22.24 -34.84 -32.65
CA PRO E 13 23.54 -34.78 -33.36
C PRO E 13 23.66 -33.46 -34.13
N ALA E 14 24.84 -32.81 -34.11
CA ALA E 14 25.04 -31.52 -34.75
C ALA E 14 24.79 -31.52 -36.27
N SER E 15 25.24 -32.57 -36.97
CA SER E 15 25.10 -32.69 -38.42
C SER E 15 24.71 -34.11 -38.83
N VAL E 16 23.73 -34.20 -39.74
CA VAL E 16 23.22 -35.46 -40.30
C VAL E 16 23.14 -35.32 -41.82
N SER E 17 23.82 -36.21 -42.56
CA SER E 17 23.85 -36.20 -44.02
C SER E 17 23.03 -37.37 -44.59
N GLY E 18 22.49 -37.17 -45.80
CA GLY E 18 21.68 -38.16 -46.49
C GLY E 18 21.59 -37.97 -47.99
N SER E 19 21.37 -39.07 -48.72
CA SER E 19 21.26 -39.07 -50.19
C SER E 19 19.82 -38.84 -50.67
N PRO E 20 19.60 -38.19 -51.84
CA PRO E 20 18.23 -37.96 -52.32
C PRO E 20 17.43 -39.23 -52.58
N GLY E 21 16.22 -39.29 -52.06
CA GLY E 21 15.39 -40.46 -52.22
C GLY E 21 15.58 -41.47 -51.10
N GLN E 22 16.63 -41.27 -50.30
CA GLN E 22 16.88 -42.18 -49.19
C GLN E 22 16.11 -41.74 -47.94
N SER E 23 16.22 -42.55 -46.89
CA SER E 23 15.55 -42.25 -45.63
C SER E 23 16.58 -41.89 -44.58
N ILE E 24 16.19 -41.07 -43.61
CA ILE E 24 17.13 -40.62 -42.57
C ILE E 24 16.42 -40.43 -41.22
N THR E 25 17.16 -40.62 -40.11
CA THR E 25 16.62 -40.50 -38.75
C THR E 25 17.46 -39.56 -37.88
N ILE E 26 16.78 -38.65 -37.18
CA ILE E 26 17.37 -37.69 -36.24
C ILE E 26 16.91 -38.04 -34.83
N SER E 27 17.87 -38.29 -33.93
CA SER E 27 17.61 -38.64 -32.53
C SER E 27 17.58 -37.38 -31.64
N CYS E 28 16.84 -37.48 -30.53
CA CYS E 28 16.65 -36.43 -29.55
C CYS E 28 16.53 -37.06 -28.17
N THR E 29 17.63 -37.08 -27.41
CA THR E 29 17.68 -37.69 -26.09
C THR E 29 17.47 -36.65 -24.99
N GLY E 30 16.50 -36.93 -24.12
CA GLY E 30 16.17 -36.10 -22.97
C GLY E 30 16.30 -36.89 -21.69
N THR E 31 15.38 -36.64 -20.74
CA THR E 31 15.33 -37.32 -19.44
C THR E 31 13.91 -37.79 -19.13
N SER E 32 13.72 -38.42 -17.95
CA SER E 32 12.42 -38.88 -17.46
C SER E 32 11.53 -37.68 -17.06
N SER E 33 12.12 -36.47 -16.97
CA SER E 33 11.47 -35.21 -16.60
C SER E 33 10.91 -34.45 -17.81
N ASP E 34 11.19 -34.91 -19.04
CA ASP E 34 10.72 -34.24 -20.26
C ASP E 34 10.27 -35.24 -21.34
N VAL E 35 11.21 -35.72 -22.18
CA VAL E 35 10.95 -36.67 -23.28
C VAL E 35 10.41 -38.02 -22.77
N GLY E 36 11.07 -38.58 -21.76
CA GLY E 36 10.70 -39.86 -21.16
C GLY E 36 9.49 -39.83 -20.24
N GLY E 37 9.06 -38.63 -19.86
CA GLY E 37 7.92 -38.44 -18.97
C GLY E 37 6.62 -38.08 -19.64
N PHE E 38 6.67 -37.23 -20.68
CA PHE E 38 5.46 -36.75 -21.35
C PHE E 38 5.47 -36.94 -22.87
N ASN E 39 4.30 -36.77 -23.51
CA ASN E 39 4.11 -36.86 -24.95
C ASN E 39 4.20 -35.48 -25.61
N TYR E 40 4.61 -34.46 -24.84
CA TYR E 40 4.81 -33.09 -25.33
C TYR E 40 6.11 -32.96 -26.13
N VAL E 41 6.39 -33.94 -27.01
CA VAL E 41 7.57 -33.96 -27.84
C VAL E 41 7.20 -33.45 -29.22
N SER E 42 7.80 -32.34 -29.63
CA SER E 42 7.55 -31.69 -30.90
C SER E 42 8.83 -31.53 -31.74
N TRP E 43 8.67 -31.49 -33.08
CA TRP E 43 9.75 -31.33 -34.04
C TRP E 43 9.52 -30.09 -34.91
N PHE E 44 10.54 -29.25 -35.01
CA PHE E 44 10.50 -28.00 -35.77
C PHE E 44 11.56 -27.96 -36.87
N GLN E 45 11.16 -27.45 -38.06
CA GLN E 45 12.04 -27.27 -39.23
C GLN E 45 12.35 -25.78 -39.35
N GLN E 46 13.65 -25.44 -39.51
CA GLN E 46 14.07 -24.06 -39.64
C GLN E 46 15.03 -23.84 -40.82
N HIS E 47 14.49 -23.24 -41.89
CA HIS E 47 15.24 -22.91 -43.10
C HIS E 47 16.10 -21.65 -42.84
N PRO E 48 17.28 -21.49 -43.50
CA PRO E 48 18.11 -20.30 -43.22
C PRO E 48 17.42 -18.97 -43.48
N GLY E 49 17.33 -18.15 -42.43
CA GLY E 49 16.69 -16.84 -42.47
C GLY E 49 15.21 -16.84 -42.10
N LYS E 50 14.58 -18.03 -42.12
CA LYS E 50 13.16 -18.21 -41.81
C LYS E 50 12.89 -18.65 -40.36
N ALA E 51 11.66 -18.42 -39.87
CA ALA E 51 11.21 -18.80 -38.53
C ALA E 51 10.92 -20.31 -38.44
N PRO E 52 11.01 -20.96 -37.24
CA PRO E 52 10.71 -22.41 -37.16
C PRO E 52 9.28 -22.77 -37.55
N LYS E 53 9.09 -23.97 -38.14
CA LYS E 53 7.80 -24.49 -38.57
C LYS E 53 7.50 -25.82 -37.86
N LEU E 54 6.29 -25.92 -37.26
CA LEU E 54 5.84 -27.13 -36.55
C LEU E 54 5.62 -28.24 -37.55
N MET E 55 6.43 -29.29 -37.44
CA MET E 55 6.41 -30.44 -38.33
C MET E 55 5.70 -31.61 -37.67
N LEU E 56 5.98 -31.82 -36.37
CA LEU E 56 5.39 -32.88 -35.59
C LEU E 56 5.14 -32.44 -34.18
N TYR E 57 4.03 -32.91 -33.60
CA TYR E 57 3.61 -32.63 -32.22
C TYR E 57 3.06 -33.93 -31.64
N ASP E 58 2.86 -34.02 -30.30
CA ASP E 58 2.35 -35.21 -29.61
C ASP E 58 3.15 -36.47 -29.99
N VAL E 59 4.47 -36.29 -30.21
CA VAL E 59 5.42 -37.32 -30.63
C VAL E 59 5.24 -37.69 -32.11
N THR E 60 4.03 -38.17 -32.49
CA THR E 60 3.75 -38.70 -33.82
C THR E 60 2.82 -37.86 -34.72
N SER E 61 1.90 -37.06 -34.12
CA SER E 61 0.92 -36.24 -34.84
C SER E 61 1.55 -35.13 -35.66
N ARG E 62 0.95 -34.79 -36.81
CA ARG E 62 1.49 -33.75 -37.69
C ARG E 62 0.42 -32.80 -38.24
N PRO E 63 0.69 -31.48 -38.28
CA PRO E 63 -0.29 -30.52 -38.85
C PRO E 63 -0.66 -30.81 -40.31
N SER E 64 -1.86 -30.35 -40.73
CA SER E 64 -2.46 -30.55 -42.05
C SER E 64 -1.51 -30.38 -43.25
N GLY E 65 -0.76 -29.29 -43.29
CA GLY E 65 0.16 -28.98 -44.38
C GLY E 65 1.45 -29.78 -44.42
N VAL E 66 1.76 -30.53 -43.34
CA VAL E 66 2.99 -31.32 -43.21
C VAL E 66 2.85 -32.68 -43.91
N SER E 67 3.87 -33.04 -44.71
CA SER E 67 3.96 -34.28 -45.49
C SER E 67 4.01 -35.56 -44.65
N SER E 68 3.50 -36.67 -45.23
CA SER E 68 3.47 -38.01 -44.62
C SER E 68 4.87 -38.63 -44.55
N ARG E 69 5.84 -38.02 -45.27
CA ARG E 69 7.25 -38.40 -45.32
C ARG E 69 7.93 -38.18 -43.95
N PHE E 70 7.35 -37.26 -43.16
CA PHE E 70 7.80 -36.90 -41.80
C PHE E 70 7.01 -37.74 -40.80
N SER E 71 7.74 -38.53 -40.00
CA SER E 71 7.18 -39.43 -38.99
C SER E 71 7.97 -39.32 -37.69
N GLY E 72 7.28 -39.52 -36.57
CA GLY E 72 7.85 -39.44 -35.23
C GLY E 72 7.76 -40.72 -34.44
N SER E 73 8.68 -40.89 -33.49
CA SER E 73 8.80 -42.06 -32.63
C SER E 73 9.37 -41.66 -31.28
N LYS E 74 9.13 -42.47 -30.25
CA LYS E 74 9.63 -42.28 -28.88
C LYS E 74 9.85 -43.66 -28.26
N SER E 75 10.98 -43.81 -27.58
CA SER E 75 11.40 -45.02 -26.88
C SER E 75 12.28 -44.57 -25.73
N GLY E 76 11.76 -44.70 -24.50
CA GLY E 76 12.44 -44.26 -23.30
C GLY E 76 12.53 -42.76 -23.27
N ASN E 77 13.74 -42.22 -23.03
CA ASN E 77 14.03 -40.79 -22.99
C ASN E 77 14.47 -40.26 -24.37
N THR E 78 14.48 -41.13 -25.41
CA THR E 78 14.89 -40.80 -26.76
C THR E 78 13.71 -40.72 -27.73
N ALA E 79 13.61 -39.58 -28.44
CA ALA E 79 12.60 -39.31 -29.47
C ALA E 79 13.30 -39.34 -30.82
N SER E 80 12.59 -39.79 -31.87
CA SER E 80 13.18 -39.88 -33.21
C SER E 80 12.30 -39.28 -34.29
N LEU E 81 12.94 -38.55 -35.22
CA LEU E 81 12.28 -37.97 -36.39
C LEU E 81 12.79 -38.70 -37.63
N THR E 82 11.88 -39.25 -38.43
CA THR E 82 12.23 -39.96 -39.64
C THR E 82 11.68 -39.24 -40.88
N ILE E 83 12.58 -38.93 -41.82
CA ILE E 83 12.25 -38.28 -43.09
C ILE E 83 12.50 -39.31 -44.19
N SER E 84 11.43 -39.77 -44.85
CA SER E 84 11.48 -40.76 -45.93
C SER E 84 11.49 -40.08 -47.29
N GLY E 85 12.33 -40.58 -48.20
CA GLY E 85 12.48 -40.06 -49.55
C GLY E 85 12.93 -38.61 -49.54
N LEU E 86 14.20 -38.38 -49.16
CA LEU E 86 14.81 -37.05 -49.06
C LEU E 86 14.75 -36.23 -50.34
N GLN E 87 14.50 -34.93 -50.17
CA GLN E 87 14.42 -33.94 -51.24
C GLN E 87 15.39 -32.80 -50.93
N ALA E 88 15.77 -32.00 -51.94
CA ALA E 88 16.69 -30.87 -51.79
C ALA E 88 16.16 -29.79 -50.83
N GLU E 89 14.82 -29.59 -50.80
CA GLU E 89 14.15 -28.62 -49.94
C GLU E 89 14.16 -29.02 -48.46
N ASP E 90 14.36 -30.33 -48.16
CA ASP E 90 14.43 -30.83 -46.78
C ASP E 90 15.66 -30.30 -46.02
N GLU E 91 16.70 -29.86 -46.77
CA GLU E 91 17.94 -29.28 -46.25
C GLU E 91 17.61 -28.03 -45.41
N ALA E 92 17.53 -28.24 -44.08
CA ALA E 92 17.23 -27.21 -43.07
C ALA E 92 17.72 -27.71 -41.68
N ASP E 93 17.60 -26.84 -40.66
CA ASP E 93 17.97 -27.17 -39.28
C ASP E 93 16.75 -27.73 -38.57
N TYR E 94 16.91 -28.85 -37.85
CA TYR E 94 15.81 -29.52 -37.14
C TYR E 94 16.00 -29.48 -35.63
N TYR E 95 14.96 -29.03 -34.92
CA TYR E 95 14.98 -28.90 -33.47
C TYR E 95 13.86 -29.72 -32.86
N CYS E 96 14.15 -30.38 -31.75
CA CYS E 96 13.12 -31.09 -31.00
C CYS E 96 12.85 -30.27 -29.75
N SER E 97 11.60 -30.31 -29.27
CA SER E 97 11.23 -29.61 -28.07
C SER E 97 10.42 -30.51 -27.15
N SER E 98 10.34 -30.14 -25.87
CA SER E 98 9.57 -30.87 -24.87
C SER E 98 9.12 -29.95 -23.74
N HIS E 99 7.88 -30.14 -23.28
CA HIS E 99 7.35 -29.46 -22.12
C HIS E 99 7.83 -30.34 -20.96
N THR E 100 8.40 -29.72 -19.92
CA THR E 100 9.01 -30.46 -18.80
C THR E 100 8.08 -30.67 -17.62
N SER E 101 8.56 -31.47 -16.65
CA SER E 101 7.91 -31.77 -15.38
C SER E 101 7.71 -30.45 -14.61
N ARG E 102 8.67 -29.51 -14.77
CA ARG E 102 8.70 -28.19 -14.15
C ARG E 102 7.78 -27.16 -14.82
N GLY E 103 7.15 -27.51 -15.94
CA GLY E 103 6.25 -26.61 -16.66
C GLY E 103 6.96 -25.65 -17.59
N THR E 104 8.24 -25.92 -17.86
CA THR E 104 9.08 -25.14 -18.76
C THR E 104 9.16 -25.85 -20.12
N TRP E 105 9.88 -25.24 -21.06
CA TRP E 105 10.12 -25.79 -22.39
C TRP E 105 11.61 -25.88 -22.63
N VAL E 106 12.04 -27.01 -23.17
CA VAL E 106 13.43 -27.24 -23.53
C VAL E 106 13.51 -27.55 -25.03
N PHE E 107 14.59 -27.06 -25.67
CA PHE E 107 14.88 -27.27 -27.09
C PHE E 107 16.17 -28.03 -27.20
N GLY E 108 16.32 -28.78 -28.29
CA GLY E 108 17.55 -29.51 -28.57
C GLY E 108 18.60 -28.60 -29.15
N GLY E 109 19.84 -29.08 -29.22
CA GLY E 109 20.97 -28.33 -29.78
C GLY E 109 20.82 -27.98 -31.24
N GLY E 110 19.97 -28.74 -31.93
CA GLY E 110 19.70 -28.58 -33.36
C GLY E 110 20.53 -29.53 -34.21
N THR E 111 19.99 -29.88 -35.39
CA THR E 111 20.68 -30.77 -36.33
C THR E 111 20.57 -30.22 -37.75
N LYS E 112 21.73 -29.93 -38.37
CA LYS E 112 21.77 -29.39 -39.72
C LYS E 112 21.75 -30.55 -40.72
N LEU E 113 20.62 -30.72 -41.42
CA LEU E 113 20.45 -31.79 -42.39
C LEU E 113 20.99 -31.37 -43.75
N THR E 114 21.97 -32.12 -44.27
CA THR E 114 22.64 -31.86 -45.56
C THR E 114 22.19 -32.93 -46.56
N VAL E 115 21.65 -32.49 -47.71
CA VAL E 115 21.18 -33.39 -48.77
C VAL E 115 22.21 -33.41 -49.92
N LEU E 116 22.69 -34.61 -50.27
CA LEU E 116 23.69 -34.81 -51.32
C LEU E 116 23.04 -34.94 -52.70
N SER F 6 6.08 40.76 -3.54
CA SER F 6 5.22 40.01 -2.63
C SER F 6 4.53 40.94 -1.60
N GLN F 7 3.18 40.94 -1.59
CA GLN F 7 2.36 41.75 -0.69
C GLN F 7 2.10 41.04 0.65
N SER F 8 2.24 41.80 1.76
CA SER F 8 2.04 41.32 3.13
C SER F 8 0.59 41.45 3.56
N ALA F 9 0.16 40.54 4.47
CA ALA F 9 -1.19 40.55 5.05
C ALA F 9 -1.33 41.69 6.06
N LEU F 10 -0.18 42.13 6.64
CA LEU F 10 -0.07 43.19 7.63
C LEU F 10 0.37 44.50 6.96
N THR F 11 -0.46 45.55 7.11
CA THR F 11 -0.24 46.86 6.50
C THR F 11 0.34 47.87 7.50
N GLN F 12 1.43 48.55 7.10
CA GLN F 12 2.15 49.57 7.85
C GLN F 12 2.43 50.77 6.93
N PRO F 13 2.52 52.02 7.44
CA PRO F 13 2.89 53.14 6.55
C PRO F 13 4.37 53.03 6.15
N ALA F 14 4.70 53.28 4.88
CA ALA F 14 6.08 53.15 4.39
C ALA F 14 7.10 54.05 5.10
N SER F 15 6.72 55.30 5.39
CA SER F 15 7.61 56.26 6.04
C SER F 15 6.87 57.09 7.08
N VAL F 16 7.50 57.26 8.25
CA VAL F 16 6.97 58.05 9.37
C VAL F 16 8.10 58.95 9.89
N SER F 17 7.85 60.27 9.90
CA SER F 17 8.82 61.27 10.35
C SER F 17 8.42 61.85 11.71
N GLY F 18 9.42 62.30 12.48
CA GLY F 18 9.22 62.88 13.80
C GLY F 18 10.37 63.74 14.28
N SER F 19 10.07 64.70 15.16
CA SER F 19 11.05 65.63 15.74
C SER F 19 11.68 65.09 17.03
N PRO F 20 12.96 65.44 17.34
CA PRO F 20 13.59 64.92 18.57
C PRO F 20 12.89 65.37 19.85
N GLY F 21 12.65 64.42 20.74
CA GLY F 21 11.98 64.65 22.01
C GLY F 21 10.48 64.69 21.94
N GLN F 22 9.90 64.20 20.82
CA GLN F 22 8.45 64.17 20.59
C GLN F 22 7.95 62.73 20.52
N SER F 23 6.62 62.54 20.65
CA SER F 23 5.99 61.22 20.60
C SER F 23 5.47 60.89 19.19
N ILE F 24 5.70 59.65 18.74
CA ILE F 24 5.25 59.19 17.41
C ILE F 24 4.57 57.82 17.50
N THR F 25 3.63 57.55 16.58
CA THR F 25 2.87 56.28 16.54
C THR F 25 2.92 55.62 15.15
N ILE F 26 3.22 54.31 15.13
CA ILE F 26 3.26 53.48 13.92
C ILE F 26 2.12 52.46 14.00
N SER F 27 1.23 52.47 12.99
CA SER F 27 0.08 51.56 12.89
C SER F 27 0.44 50.28 12.12
N CYS F 28 -0.28 49.20 12.43
CA CYS F 28 -0.12 47.87 11.85
C CYS F 28 -1.49 47.20 11.76
N THR F 29 -2.10 47.25 10.57
CA THR F 29 -3.43 46.71 10.34
C THR F 29 -3.36 45.31 9.73
N GLY F 30 -4.06 44.38 10.38
CA GLY F 30 -4.17 43.00 9.95
C GLY F 30 -5.61 42.61 9.75
N THR F 31 -5.96 41.36 10.12
CA THR F 31 -7.31 40.82 10.00
C THR F 31 -7.73 40.13 11.32
N SER F 32 -8.95 39.56 11.35
CA SER F 32 -9.48 38.80 12.49
C SER F 32 -8.75 37.44 12.63
N SER F 33 -7.97 37.05 11.60
CA SER F 33 -7.21 35.80 11.53
C SER F 33 -5.78 35.93 12.08
N ASP F 34 -5.34 37.15 12.43
CA ASP F 34 -3.99 37.39 12.95
C ASP F 34 -3.98 38.43 14.10
N VAL F 35 -3.90 39.74 13.77
CA VAL F 35 -3.84 40.84 14.74
C VAL F 35 -5.13 40.92 15.58
N GLY F 36 -6.28 40.88 14.91
CA GLY F 36 -7.59 40.96 15.56
C GLY F 36 -8.05 39.70 16.28
N GLY F 37 -7.36 38.58 16.03
CA GLY F 37 -7.68 37.31 16.64
C GLY F 37 -6.83 36.90 17.82
N PHE F 38 -5.51 37.18 17.77
CA PHE F 38 -4.59 36.77 18.82
C PHE F 38 -3.74 37.91 19.39
N ASN F 39 -3.08 37.65 20.53
CA ASN F 39 -2.17 38.58 21.20
C ASN F 39 -0.72 38.36 20.77
N TYR F 40 -0.50 37.50 19.75
CA TYR F 40 0.81 37.21 19.20
C TYR F 40 1.31 38.35 18.30
N VAL F 41 1.12 39.61 18.74
CA VAL F 41 1.53 40.80 18.01
C VAL F 41 2.86 41.27 18.58
N SER F 42 3.90 41.26 17.74
CA SER F 42 5.26 41.66 18.12
C SER F 42 5.79 42.79 17.24
N TRP F 43 6.71 43.59 17.80
CA TRP F 43 7.35 44.72 17.12
C TRP F 43 8.87 44.55 17.11
N PHE F 44 9.48 44.69 15.93
CA PHE F 44 10.90 44.53 15.71
C PHE F 44 11.55 45.80 15.15
N GLN F 45 12.76 46.13 15.66
CA GLN F 45 13.58 47.26 15.23
C GLN F 45 14.72 46.72 14.37
N GLN F 46 14.94 47.31 13.19
CA GLN F 46 16.01 46.89 12.30
C GLN F 46 16.86 48.06 11.79
N HIS F 47 18.07 48.20 12.34
CA HIS F 47 19.03 49.22 11.95
C HIS F 47 19.69 48.83 10.62
N PRO F 48 20.11 49.80 9.76
CA PRO F 48 20.73 49.42 8.47
C PRO F 48 21.97 48.53 8.60
N GLY F 49 21.89 47.35 8.00
CA GLY F 49 22.95 46.34 8.01
C GLY F 49 22.87 45.35 9.15
N LYS F 50 22.07 45.66 10.19
CA LYS F 50 21.90 44.82 11.38
C LYS F 50 20.64 43.93 11.32
N ALA F 51 20.62 42.85 12.11
CA ALA F 51 19.51 41.90 12.19
C ALA F 51 18.35 42.49 13.05
N PRO F 52 17.07 42.07 12.85
CA PRO F 52 15.98 42.62 13.67
C PRO F 52 16.10 42.34 15.18
N LYS F 53 15.61 43.27 16.01
CA LYS F 53 15.65 43.18 17.48
C LYS F 53 14.23 43.24 18.05
N LEU F 54 13.87 42.27 18.92
CA LEU F 54 12.56 42.21 19.57
C LEU F 54 12.40 43.36 20.55
N MET F 55 11.47 44.26 20.25
CA MET F 55 11.17 45.46 21.03
C MET F 55 9.95 45.23 21.89
N LEU F 56 8.91 44.63 21.30
CA LEU F 56 7.66 44.35 21.98
C LEU F 56 7.09 43.03 21.55
N TYR F 57 6.46 42.32 22.49
CA TYR F 57 5.80 41.04 22.29
C TYR F 57 4.51 41.04 23.10
N ASP F 58 3.60 40.07 22.85
CA ASP F 58 2.30 39.97 23.52
C ASP F 58 1.54 41.33 23.52
N VAL F 59 1.65 42.04 22.39
CA VAL F 59 1.07 43.36 22.13
C VAL F 59 1.78 44.47 22.92
N THR F 60 1.80 44.37 24.25
CA THR F 60 2.31 45.41 25.16
C THR F 60 3.62 45.08 25.89
N SER F 61 3.90 43.79 26.17
CA SER F 61 5.09 43.34 26.91
C SER F 61 6.40 43.63 26.18
N ARG F 62 7.47 43.93 26.94
CA ARG F 62 8.77 44.25 26.35
C ARG F 62 9.95 43.57 27.07
N PRO F 63 10.94 43.03 26.30
CA PRO F 63 12.11 42.41 26.95
C PRO F 63 12.89 43.37 27.87
N SER F 64 13.63 42.80 28.85
CA SER F 64 14.40 43.49 29.88
C SER F 64 15.22 44.71 29.40
N GLY F 65 15.99 44.53 28.33
CA GLY F 65 16.85 45.57 27.78
C GLY F 65 16.16 46.68 27.00
N VAL F 66 14.86 46.50 26.68
CA VAL F 66 14.06 47.46 25.91
C VAL F 66 13.51 48.58 26.80
N SER F 67 13.67 49.84 26.34
CA SER F 67 13.26 51.06 27.01
C SER F 67 11.75 51.20 27.21
N SER F 68 11.34 51.92 28.28
CA SER F 68 9.95 52.21 28.65
C SER F 68 9.29 53.20 27.68
N ARG F 69 10.13 53.85 26.83
CA ARG F 69 9.73 54.81 25.81
C ARG F 69 8.94 54.11 24.71
N PHE F 70 9.16 52.79 24.55
CA PHE F 70 8.48 51.92 23.59
C PHE F 70 7.27 51.28 24.28
N SER F 71 6.08 51.53 23.71
CA SER F 71 4.80 51.03 24.22
C SER F 71 3.94 50.50 23.07
N GLY F 72 3.13 49.49 23.37
CA GLY F 72 2.26 48.82 22.41
C GLY F 72 0.79 48.93 22.75
N SER F 73 -0.05 48.83 21.72
CA SER F 73 -1.51 48.93 21.82
C SER F 73 -2.16 48.10 20.72
N LYS F 74 -3.42 47.71 20.93
CA LYS F 74 -4.22 46.94 19.98
C LYS F 74 -5.69 47.34 20.14
N SER F 75 -6.36 47.55 19.02
CA SER F 75 -7.78 47.92 18.93
C SER F 75 -8.28 47.37 17.60
N GLY F 76 -9.13 46.35 17.70
CA GLY F 76 -9.66 45.64 16.54
C GLY F 76 -8.57 44.86 15.86
N ASN F 77 -8.45 45.04 14.52
CA ASN F 77 -7.42 44.40 13.69
C ASN F 77 -6.17 45.28 13.55
N THR F 78 -6.15 46.45 14.23
CA THR F 78 -5.04 47.39 14.19
C THR F 78 -4.24 47.42 15.48
N ALA F 79 -2.91 47.24 15.35
CA ALA F 79 -1.93 47.28 16.43
C ALA F 79 -1.12 48.57 16.29
N SER F 80 -0.70 49.18 17.41
CA SER F 80 0.06 50.42 17.39
C SER F 80 1.30 50.39 18.25
N LEU F 81 2.40 50.97 17.72
CA LEU F 81 3.66 51.12 18.43
C LEU F 81 3.88 52.60 18.70
N THR F 82 4.09 52.97 19.96
CA THR F 82 4.32 54.35 20.35
C THR F 82 5.72 54.52 20.93
N ILE F 83 6.50 55.45 20.34
CA ILE F 83 7.84 55.79 20.78
C ILE F 83 7.78 57.22 21.34
N SER F 84 7.99 57.36 22.67
CA SER F 84 7.96 58.65 23.37
C SER F 84 9.36 59.21 23.54
N GLY F 85 9.50 60.52 23.32
CA GLY F 85 10.77 61.23 23.42
C GLY F 85 11.79 60.69 22.44
N LEU F 86 11.59 60.96 21.14
CA LEU F 86 12.44 60.51 20.04
C LEU F 86 13.90 60.89 20.18
N GLN F 87 14.79 59.96 19.81
CA GLN F 87 16.24 60.13 19.82
C GLN F 87 16.79 59.81 18.42
N ALA F 88 18.02 60.26 18.12
CA ALA F 88 18.67 60.05 16.82
C ALA F 88 18.89 58.56 16.52
N GLU F 89 19.16 57.75 17.57
CA GLU F 89 19.39 56.31 17.47
C GLU F 89 18.11 55.51 17.13
N ASP F 90 16.91 56.10 17.39
CA ASP F 90 15.62 55.47 17.07
C ASP F 90 15.40 55.30 15.57
N GLU F 91 16.10 56.11 14.75
CA GLU F 91 16.07 56.09 13.29
C GLU F 91 16.51 54.69 12.78
N ALA F 92 15.49 53.84 12.52
CA ALA F 92 15.61 52.46 12.04
C ALA F 92 14.29 52.03 11.42
N ASP F 93 14.27 50.86 10.76
CA ASP F 93 13.06 50.30 10.15
C ASP F 93 12.30 49.49 11.19
N TYR F 94 10.98 49.67 11.26
CA TYR F 94 10.16 48.95 12.23
C TYR F 94 9.17 48.03 11.55
N TYR F 95 9.12 46.78 12.04
CA TYR F 95 8.25 45.74 11.50
C TYR F 95 7.37 45.18 12.59
N CYS F 96 6.10 44.92 12.25
CA CYS F 96 5.18 44.27 13.16
C CYS F 96 5.00 42.84 12.66
N SER F 97 4.78 41.90 13.57
CA SER F 97 4.56 40.52 13.21
C SER F 97 3.38 39.96 13.97
N SER F 98 2.80 38.86 13.46
CA SER F 98 1.67 38.17 14.08
C SER F 98 1.65 36.70 13.72
N HIS F 99 1.21 35.88 14.68
CA HIS F 99 1.02 34.45 14.48
C HIS F 99 -0.44 34.30 14.05
N THR F 100 -0.66 33.74 12.85
CA THR F 100 -1.97 33.57 12.23
C THR F 100 -2.76 32.37 12.77
N SER F 101 -4.08 32.37 12.47
CA SER F 101 -5.05 31.34 12.77
C SER F 101 -4.59 30.01 12.17
N ARG F 102 -3.93 30.07 11.00
CA ARG F 102 -3.38 28.92 10.25
C ARG F 102 -2.06 28.38 10.83
N GLY F 103 -1.53 29.05 11.85
CA GLY F 103 -0.29 28.64 12.51
C GLY F 103 0.98 29.08 11.82
N THR F 104 0.92 30.19 11.08
CA THR F 104 2.07 30.77 10.37
C THR F 104 2.38 32.16 10.93
N TRP F 105 3.47 32.78 10.46
CA TRP F 105 3.91 34.12 10.87
C TRP F 105 3.87 35.07 9.69
N VAL F 106 3.21 36.23 9.88
CA VAL F 106 3.13 37.30 8.89
C VAL F 106 3.85 38.54 9.42
N PHE F 107 4.53 39.27 8.53
CA PHE F 107 5.28 40.49 8.82
C PHE F 107 4.64 41.64 8.06
N GLY F 108 4.78 42.85 8.60
CA GLY F 108 4.30 44.06 7.96
C GLY F 108 5.26 44.51 6.87
N GLY F 109 4.81 45.45 6.04
CA GLY F 109 5.61 46.01 4.95
C GLY F 109 6.85 46.76 5.41
N GLY F 110 6.82 47.25 6.64
CA GLY F 110 7.91 47.99 7.24
C GLY F 110 7.65 49.48 7.28
N THR F 111 8.24 50.16 8.27
CA THR F 111 8.11 51.61 8.45
C THR F 111 9.50 52.19 8.71
N LYS F 112 9.98 53.05 7.79
CA LYS F 112 11.27 53.70 7.96
C LYS F 112 11.06 54.97 8.78
N LEU F 113 11.55 54.96 10.03
CA LEU F 113 11.44 56.11 10.93
C LEU F 113 12.57 57.07 10.65
N THR F 114 12.22 58.34 10.37
CA THR F 114 13.19 59.40 10.11
C THR F 114 13.11 60.40 11.26
N VAL F 115 14.25 60.68 11.91
CA VAL F 115 14.32 61.63 13.02
C VAL F 115 14.97 62.93 12.53
N LEU F 116 14.27 64.06 12.73
CA LEU F 116 14.71 65.39 12.29
C LEU F 116 15.59 66.05 13.35
#